data_3EDX
#
_entry.id   3EDX
#
_cell.length_a   97.716
_cell.length_b   105.760
_cell.length_c   176.811
_cell.angle_alpha   90.00
_cell.angle_beta   90.00
_cell.angle_gamma   90.00
#
_symmetry.space_group_name_H-M   'P 21 21 21'
#
loop_
_entity.id
_entity.type
_entity.pdbx_description
1 polymer 'Thrombin light chain'
2 polymer 'Thrombin heavy chain'
3 non-polymer 'SULFATE ION'
4 non-polymer 2-acetamido-2-deoxy-beta-D-glucopyranose
5 water water
#
loop_
_entity_poly.entity_id
_entity_poly.type
_entity_poly.pdbx_seq_one_letter_code
_entity_poly.pdbx_strand_id
1 'polypeptide(L)' FHTFFNEKTFGLGEADCGLRPLFEKKSLKDTTEKELLDSYIDGR A,C,E
2 'polypeptide(L)'
;IVEGWDAEKGIAPWQVMLFRKSPQELLCGASLISDRWVLTAAHCILYPPWDKNFTENDLLVRIGKHSRTRYERNVEKISM
LEKIYVHPRYNWRENLDRDIALLKLKKPVPFSDYIHPVCLPDKQTVTSLLRAGYKGRVTGWGNLRETWTTNINEIQPSVL
QVVNLPIVERPVCKASTRIRITDNMFCAGFKVNDTKRGDACEGDSGGPFVMKSPFNNRWYQMGIVSAGAGCDRKGKYGFY
THVFRLKRWIQKVIDQFG
;
B,D,F
#
# COMPACT_ATOMS: atom_id res chain seq x y z
N PHE A 1 14.75 31.41 11.61
CA PHE A 1 13.43 30.73 11.71
C PHE A 1 12.38 31.69 12.26
N HIS A 2 11.37 31.99 11.47
CA HIS A 2 10.32 32.91 11.90
C HIS A 2 9.33 32.21 12.85
N THR A 3 9.35 32.61 14.11
CA THR A 3 8.48 32.05 15.14
C THR A 3 7.00 32.33 14.86
N PHE A 4 6.12 31.44 15.33
CA PHE A 4 4.69 31.63 15.08
C PHE A 4 3.84 31.70 16.35
N PHE A 5 4.31 31.06 17.43
CA PHE A 5 3.57 31.05 18.68
C PHE A 5 4.19 31.87 19.80
N ASN A 6 3.49 31.89 20.93
CA ASN A 6 3.92 32.62 22.11
C ASN A 6 4.31 31.57 23.15
N GLU A 7 5.54 31.62 23.64
CA GLU A 7 5.96 30.62 24.60
C GLU A 7 5.26 30.63 25.96
N LYS A 8 4.44 31.63 26.23
CA LYS A 8 3.73 31.64 27.51
C LYS A 8 2.58 30.66 27.42
N THR A 9 2.05 30.49 26.21
CA THR A 9 0.94 29.58 25.98
C THR A 9 1.36 28.30 25.24
N PHE A 10 2.33 28.43 24.34
CA PHE A 10 2.80 27.31 23.56
C PHE A 10 3.87 26.50 24.28
N GLY A 11 4.51 27.10 25.27
CA GLY A 11 5.57 26.40 25.97
C GLY A 11 6.89 26.66 25.26
N LEU A 12 7.97 26.08 25.75
CA LEU A 12 9.28 26.28 25.14
C LEU A 12 9.54 25.32 23.98
N GLY A 13 10.50 25.69 23.14
CA GLY A 13 10.87 24.82 22.03
C GLY A 13 10.71 25.26 20.59
N GLU A 14 9.78 26.17 20.30
CA GLU A 14 9.58 26.54 18.91
C GLU A 14 10.80 27.06 18.15
N ALA A 15 11.53 28.00 18.75
CA ALA A 15 12.70 28.58 18.08
C ALA A 15 13.69 27.55 17.58
N ASP A 16 13.93 26.53 18.38
CA ASP A 16 14.90 25.49 18.04
C ASP A 16 14.27 24.17 17.55
N CYS A 17 12.99 24.20 17.18
CA CYS A 17 12.30 22.97 16.72
C CYS A 17 12.94 22.37 15.46
N GLY A 18 12.67 21.09 15.24
CA GLY A 18 13.15 20.40 14.05
C GLY A 18 14.63 20.14 13.91
N LEU A 19 15.45 20.66 14.82
CA LEU A 19 16.88 20.42 14.73
C LEU A 19 17.25 19.34 15.73
N ARG A 20 17.59 18.16 15.22
CA ARG A 20 17.93 17.04 16.08
C ARG A 20 19.30 17.15 16.75
N PRO A 21 19.34 16.97 18.08
CA PRO A 21 20.57 17.05 18.87
C PRO A 21 21.65 16.08 18.39
N LEU A 22 21.26 14.84 18.14
CA LEU A 22 22.20 13.81 17.69
C LEU A 22 22.48 13.81 16.18
N PHE A 23 21.91 14.77 15.45
CA PHE A 23 22.12 14.83 14.01
C PHE A 23 22.45 16.24 13.51
N GLU A 24 21.44 17.02 13.16
CA GLU A 24 21.68 18.36 12.66
C GLU A 24 22.63 19.18 13.55
N LYS A 25 22.49 19.01 14.87
CA LYS A 25 23.33 19.73 15.82
C LYS A 25 24.79 19.29 15.80
N LYS A 26 25.02 18.03 15.42
CA LYS A 26 26.36 17.48 15.34
C LYS A 26 26.86 17.37 13.90
N SER A 27 26.12 17.94 12.96
CA SER A 27 26.52 17.85 11.56
C SER A 27 26.59 16.39 11.10
N LEU A 28 25.74 15.57 11.70
CA LEU A 28 25.66 14.14 11.36
C LEU A 28 24.33 13.94 10.65
N LYS A 29 24.33 13.04 9.67
CA LYS A 29 23.10 12.76 8.92
C LYS A 29 22.62 11.36 9.20
N ASP A 30 21.31 11.18 9.38
CA ASP A 30 20.80 9.85 9.67
C ASP A 30 20.88 8.98 8.43
N THR A 31 20.71 7.69 8.63
CA THR A 31 20.78 6.73 7.55
C THR A 31 20.03 6.98 6.23
N THR A 32 18.81 7.51 6.28
CA THR A 32 18.04 7.71 5.05
C THR A 32 17.58 9.12 4.64
N GLU A 33 18.02 10.16 5.33
CA GLU A 33 17.64 11.52 4.96
C GLU A 33 17.76 11.68 3.47
N LYS A 34 18.82 11.07 2.94
CA LYS A 34 19.19 11.07 1.54
C LYS A 34 17.98 10.82 0.65
N GLU A 35 17.29 9.71 0.90
CA GLU A 35 16.11 9.32 0.13
C GLU A 35 15.09 10.47 0.10
N LEU A 36 14.94 11.18 1.21
CA LEU A 36 13.99 12.27 1.27
C LEU A 36 14.45 13.48 0.46
N LEU A 37 15.64 13.99 0.75
CA LEU A 37 16.17 15.14 0.04
C LEU A 37 16.32 14.88 -1.45
N ASP A 38 16.61 13.63 -1.82
CA ASP A 38 16.78 13.24 -3.21
C ASP A 38 15.45 13.24 -3.96
N SER A 39 14.33 13.32 -3.24
CA SER A 39 13.01 13.31 -3.88
C SER A 39 12.42 14.70 -4.05
N TYR A 40 13.03 15.69 -3.38
CA TYR A 40 12.54 17.06 -3.45
C TYR A 40 13.08 17.76 -4.69
N ILE A 41 13.00 17.08 -5.82
CA ILE A 41 13.49 17.61 -7.09
C ILE A 41 12.57 18.74 -7.54
N ASP A 42 13.17 19.77 -8.12
CA ASP A 42 12.39 20.92 -8.58
C ASP A 42 10.99 20.54 -9.08
N ILE B 1 4.29 -0.42 11.70
CA ILE B 1 4.98 0.00 10.45
C ILE B 1 5.47 -1.18 9.64
N VAL B 2 4.99 -1.29 8.40
CA VAL B 2 5.36 -2.39 7.52
C VAL B 2 6.48 -2.08 6.56
N GLU B 3 7.40 -3.04 6.40
CA GLU B 3 8.53 -2.90 5.49
C GLU B 3 9.39 -1.69 5.81
N GLY B 4 9.57 -1.44 7.10
CA GLY B 4 10.40 -0.33 7.54
C GLY B 4 11.66 -0.89 8.17
N TRP B 5 12.38 -0.05 8.91
CA TRP B 5 13.60 -0.49 9.56
C TRP B 5 13.73 0.10 10.95
N ASP B 6 14.61 -0.51 11.76
CA ASP B 6 14.83 -0.05 13.14
C ASP B 6 15.31 1.39 13.14
N ALA B 7 14.83 2.17 14.09
CA ALA B 7 15.22 3.56 14.21
C ALA B 7 16.52 3.76 14.97
N GLU B 8 17.36 4.68 14.50
CA GLU B 8 18.61 5.00 15.18
C GLU B 8 18.23 5.85 16.39
N LYS B 9 18.96 5.70 17.49
CA LYS B 9 18.64 6.50 18.67
C LYS B 9 18.62 8.00 18.35
N GLY B 10 17.53 8.65 18.76
CA GLY B 10 17.35 10.07 18.52
C GLY B 10 17.00 10.48 17.10
N ILE B 11 16.62 9.54 16.23
CA ILE B 11 16.29 9.88 14.85
C ILE B 11 14.99 10.69 14.76
N ALA B 12 14.08 10.45 15.72
CA ALA B 12 12.78 11.12 15.79
C ALA B 12 12.50 11.49 17.25
N PRO B 13 13.29 12.44 17.80
CA PRO B 13 13.14 12.88 19.19
C PRO B 13 11.79 13.46 19.56
N TRP B 14 10.93 13.66 18.56
CA TRP B 14 9.60 14.20 18.79
C TRP B 14 8.54 13.09 18.83
N GLN B 15 8.97 11.85 18.63
CA GLN B 15 8.05 10.72 18.66
C GLN B 15 7.52 10.53 20.07
N VAL B 16 6.20 10.37 20.19
CA VAL B 16 5.56 10.21 21.49
C VAL B 16 4.69 8.96 21.50
N MET B 17 4.66 8.29 22.64
CA MET B 17 3.88 7.07 22.80
C MET B 17 2.63 7.40 23.62
N LEU B 18 1.46 7.23 23.04
CA LEU B 18 0.23 7.50 23.77
C LEU B 18 -0.13 6.18 24.45
N PHE B 19 0.02 6.15 25.79
CA PHE B 19 -0.23 4.97 26.60
C PHE B 19 -1.53 4.94 27.38
N ARG B 20 -2.03 3.73 27.60
CA ARG B 20 -3.25 3.55 28.39
C ARG B 20 -2.77 3.19 29.80
N LYS B 21 -3.43 3.75 30.81
CA LYS B 21 -3.05 3.48 32.20
C LYS B 21 -3.34 2.06 32.66
N SER B 22 -4.59 1.64 32.53
CA SER B 22 -4.97 0.30 32.95
C SER B 22 -6.15 -0.20 32.11
N PRO B 23 -5.97 -1.34 31.43
CA PRO B 23 -4.71 -2.08 31.46
C PRO B 23 -3.59 -1.31 30.74
N GLN B 24 -2.35 -1.45 31.24
CA GLN B 24 -1.22 -0.77 30.62
C GLN B 24 -0.99 -1.30 29.21
N GLU B 25 -1.13 -0.44 28.21
CA GLU B 25 -0.91 -0.85 26.83
C GLU B 25 -0.70 0.32 25.88
N LEU B 26 0.24 0.13 24.96
CA LEU B 26 0.53 1.15 23.96
C LEU B 26 -0.77 1.31 23.18
N LEU B 27 -1.22 2.55 23.04
CA LEU B 27 -2.47 2.82 22.36
C LEU B 27 -2.31 3.41 20.96
N CYS B 28 -1.50 4.46 20.84
CA CYS B 28 -1.26 5.13 19.58
C CYS B 28 0.09 5.81 19.57
N GLY B 29 0.37 6.51 18.48
CA GLY B 29 1.59 7.27 18.34
C GLY B 29 1.19 8.73 18.51
N ALA B 30 2.16 9.62 18.63
CA ALA B 30 1.89 11.06 18.78
C ALA B 30 3.19 11.83 18.64
N SER B 31 3.11 13.15 18.64
CA SER B 31 4.34 13.90 18.48
C SER B 31 4.42 15.14 19.36
N LEU B 32 5.65 15.48 19.71
CA LEU B 32 5.97 16.62 20.56
C LEU B 32 6.22 17.87 19.72
N ILE B 33 5.37 18.89 19.85
CA ILE B 33 5.54 20.14 19.10
C ILE B 33 6.07 21.28 19.99
N SER B 34 6.17 21.00 21.29
CA SER B 34 6.68 21.96 22.28
C SER B 34 6.85 21.18 23.58
N ASP B 35 7.35 21.81 24.63
CA ASP B 35 7.55 21.10 25.88
C ASP B 35 6.28 20.94 26.70
N ARG B 36 5.15 21.41 26.19
CA ARG B 36 3.89 21.29 26.91
C ARG B 36 2.74 20.76 26.04
N TRP B 37 2.92 20.79 24.72
CA TRP B 37 1.89 20.33 23.79
C TRP B 37 2.28 19.12 22.94
N VAL B 38 1.28 18.26 22.70
CA VAL B 38 1.45 17.03 21.94
C VAL B 38 0.32 16.85 20.93
N LEU B 39 0.68 16.40 19.73
CA LEU B 39 -0.27 16.19 18.66
C LEU B 39 -0.51 14.68 18.48
N THR B 40 -1.75 14.28 18.20
CA THR B 40 -2.10 12.87 17.94
C THR B 40 -3.44 12.89 17.21
N ALA B 41 -3.92 11.73 16.78
CA ALA B 41 -5.20 11.65 16.06
C ALA B 41 -6.43 11.63 16.97
N ALA B 42 -7.53 12.18 16.46
CA ALA B 42 -8.78 12.20 17.21
C ALA B 42 -9.37 10.80 17.40
N HIS B 43 -9.33 9.96 16.37
CA HIS B 43 -9.89 8.61 16.51
C HIS B 43 -9.12 7.79 17.53
N CYS B 44 -7.95 8.27 17.96
CA CYS B 44 -7.18 7.55 18.98
C CYS B 44 -7.79 7.81 20.36
N ILE B 45 -8.39 8.99 20.51
CA ILE B 45 -9.01 9.39 21.77
C ILE B 45 -10.50 9.04 21.79
N LEU B 46 -11.18 9.32 20.70
CA LEU B 46 -12.61 9.06 20.62
C LEU B 46 -13.06 8.30 19.38
N TYR B 47 -13.56 7.08 19.60
CA TYR B 47 -14.10 6.26 18.52
C TYR B 47 -14.88 5.11 19.14
N PRO B 48 -16.14 5.39 19.51
CA PRO B 48 -17.07 4.42 20.12
C PRO B 48 -17.11 3.04 19.48
N PRO B 49 -17.14 2.95 18.14
CA PRO B 49 -17.18 1.65 17.47
C PRO B 49 -16.08 0.67 17.87
N TRP B 50 -14.95 1.17 18.36
CA TRP B 50 -13.89 0.27 18.82
C TRP B 50 -13.77 0.49 20.32
N ASP B 51 -14.88 0.92 20.90
CA ASP B 51 -14.96 1.19 22.34
C ASP B 51 -13.83 2.08 22.83
N LYS B 52 -13.69 3.25 22.21
CA LYS B 52 -12.66 4.19 22.61
C LYS B 52 -13.25 5.56 22.92
N ASN B 53 -13.28 5.90 24.21
CA ASN B 53 -13.77 7.19 24.67
C ASN B 53 -12.98 7.56 25.93
N PHE B 54 -11.74 8.00 25.72
CA PHE B 54 -10.83 8.35 26.81
C PHE B 54 -10.90 9.79 27.29
N THR B 55 -10.33 10.02 28.48
CA THR B 55 -10.27 11.34 29.09
C THR B 55 -8.88 11.52 29.69
N GLU B 56 -8.57 12.75 30.08
CA GLU B 56 -7.28 13.09 30.66
C GLU B 56 -6.68 12.05 31.59
N ASN B 57 -7.50 11.49 32.47
CA ASN B 57 -7.03 10.51 33.44
C ASN B 57 -6.83 9.10 32.89
N ASP B 58 -7.57 8.74 31.85
CA ASP B 58 -7.46 7.41 31.27
C ASP B 58 -6.08 7.06 30.69
N LEU B 59 -5.36 8.06 30.17
CA LEU B 59 -4.07 7.79 29.56
C LEU B 59 -2.92 8.73 29.90
N LEU B 60 -1.73 8.38 29.45
CA LEU B 60 -0.52 9.15 29.67
C LEU B 60 0.39 9.01 28.46
N VAL B 61 1.46 9.82 28.39
CA VAL B 61 2.38 9.76 27.27
C VAL B 61 3.83 9.48 27.70
N ARG B 62 4.55 8.73 26.88
CA ARG B 62 5.93 8.41 27.16
C ARG B 62 6.76 9.05 26.05
N ILE B 63 7.72 9.87 26.45
CA ILE B 63 8.57 10.61 25.52
C ILE B 63 10.04 10.22 25.59
N GLY B 64 10.71 10.23 24.44
CA GLY B 64 12.12 9.89 24.41
C GLY B 64 12.41 8.39 24.32
N LYS B 65 11.37 7.60 24.07
CA LYS B 65 11.50 6.17 23.98
C LYS B 65 12.12 5.62 22.68
N HIS B 66 12.53 4.36 22.75
CA HIS B 66 13.15 3.65 21.63
C HIS B 66 12.56 2.24 21.66
N SER B 67 12.77 1.57 22.79
CA SER B 67 12.26 0.23 23.02
C SER B 67 10.73 0.32 23.14
N ARG B 68 10.03 -0.70 22.63
CA ARG B 68 8.57 -0.71 22.68
C ARG B 68 8.02 -1.09 24.05
N THR B 69 8.78 -1.91 24.77
CA THR B 69 8.36 -2.38 26.09
C THR B 69 9.29 -2.00 27.24
N ARG B 70 10.57 -2.33 27.11
CA ARG B 70 11.54 -2.03 28.16
C ARG B 70 11.52 -0.59 28.62
N TYR B 71 11.59 -0.39 29.93
CA TYR B 71 11.60 0.94 30.51
C TYR B 71 13.02 1.50 30.36
N GLU B 72 13.14 2.62 29.66
CA GLU B 72 14.45 3.22 29.41
C GLU B 72 14.73 4.35 30.39
N ARG B 73 15.25 3.97 31.54
CA ARG B 73 15.57 4.91 32.61
C ARG B 73 16.54 5.99 32.17
N ASN B 74 16.36 7.19 32.73
CA ASN B 74 17.20 8.34 32.42
C ASN B 74 17.16 8.77 30.97
N VAL B 75 16.09 8.41 30.28
CA VAL B 75 15.94 8.79 28.90
C VAL B 75 14.48 9.12 28.63
N GLU B 76 13.58 8.22 29.00
CA GLU B 76 12.17 8.49 28.77
C GLU B 76 11.53 9.26 29.90
N LYS B 77 10.45 9.96 29.58
CA LYS B 77 9.74 10.74 30.57
C LYS B 77 8.26 10.41 30.45
N ILE B 78 7.60 10.23 31.58
CA ILE B 78 6.17 9.94 31.57
C ILE B 78 5.49 11.25 31.91
N SER B 79 4.34 11.50 31.31
CA SER B 79 3.62 12.74 31.60
C SER B 79 2.13 12.50 31.66
N MET B 80 1.48 13.15 32.62
CA MET B 80 0.04 13.03 32.76
C MET B 80 -0.52 14.11 31.87
N LEU B 81 -1.79 13.97 31.51
CA LEU B 81 -2.41 14.95 30.66
C LEU B 81 -3.24 15.92 31.50
N GLU B 82 -3.28 17.19 31.09
CA GLU B 82 -4.03 18.19 31.81
C GLU B 82 -5.38 18.37 31.13
N LYS B 83 -5.39 18.19 29.81
CA LYS B 83 -6.61 18.34 29.04
C LYS B 83 -6.42 17.81 27.62
N ILE B 84 -7.52 17.40 27.00
CA ILE B 84 -7.49 16.86 25.65
C ILE B 84 -8.43 17.70 24.80
N TYR B 85 -7.97 18.09 23.62
CA TYR B 85 -8.82 18.89 22.75
C TYR B 85 -8.94 18.22 21.41
N VAL B 86 -10.09 17.61 21.13
CA VAL B 86 -10.27 17.00 19.84
C VAL B 86 -11.05 17.99 18.99
N HIS B 87 -10.64 18.14 17.73
CA HIS B 87 -11.32 19.06 16.85
C HIS B 87 -12.84 18.92 16.93
N PRO B 88 -13.53 20.03 17.22
CA PRO B 88 -14.99 20.08 17.33
C PRO B 88 -15.72 19.56 16.11
N ARG B 89 -15.10 19.67 14.94
CA ARG B 89 -15.75 19.19 13.73
C ARG B 89 -15.39 17.75 13.38
N TYR B 90 -14.66 17.09 14.27
CA TYR B 90 -14.33 15.69 14.05
C TYR B 90 -15.62 14.91 14.31
N ASN B 91 -16.03 14.08 13.36
CA ASN B 91 -17.26 13.30 13.50
C ASN B 91 -16.99 11.80 13.25
N TRP B 92 -16.68 11.06 14.31
CA TRP B 92 -16.38 9.65 14.19
C TRP B 92 -17.44 8.82 13.46
N ARG B 93 -18.64 9.37 13.32
CA ARG B 93 -19.73 8.64 12.66
C ARG B 93 -19.76 8.77 11.15
N GLU B 94 -18.99 9.71 10.62
CA GLU B 94 -18.97 9.95 9.19
C GLU B 94 -17.69 9.43 8.52
N ASN B 95 -16.58 10.13 8.74
CA ASN B 95 -15.28 9.76 8.17
C ASN B 95 -14.15 10.27 9.05
N LEU B 96 -12.92 10.24 8.54
CA LEU B 96 -11.77 10.71 9.31
C LEU B 96 -11.44 12.19 9.14
N ASP B 97 -12.31 12.95 8.49
CA ASP B 97 -12.05 14.36 8.30
C ASP B 97 -11.69 15.05 9.61
N ARG B 98 -10.67 15.90 9.57
CA ARG B 98 -10.21 16.62 10.75
C ARG B 98 -9.89 15.67 11.90
N ASP B 99 -9.23 14.56 11.58
CA ASP B 99 -8.87 13.56 12.59
C ASP B 99 -7.63 14.06 13.33
N ILE B 100 -7.84 14.98 14.26
CA ILE B 100 -6.74 15.58 15.01
C ILE B 100 -7.06 15.96 16.46
N ALA B 101 -6.07 15.88 17.33
CA ALA B 101 -6.28 16.24 18.71
C ALA B 101 -5.02 16.79 19.36
N LEU B 102 -5.21 17.78 20.24
CA LEU B 102 -4.11 18.39 20.97
C LEU B 102 -4.18 17.91 22.41
N LEU B 103 -3.03 17.54 22.95
CA LEU B 103 -2.93 17.08 24.33
C LEU B 103 -2.02 18.05 25.11
N LYS B 104 -2.49 18.53 26.25
CA LYS B 104 -1.70 19.44 27.07
C LYS B 104 -1.10 18.67 28.23
N LEU B 105 0.19 18.82 28.45
CA LEU B 105 0.86 18.10 29.52
C LEU B 105 0.70 18.83 30.85
N LYS B 106 0.68 18.08 31.96
CA LYS B 106 0.55 18.69 33.29
C LYS B 106 1.83 19.40 33.68
N LYS B 107 2.96 18.85 33.23
CA LYS B 107 4.25 19.46 33.53
C LYS B 107 5.13 19.48 32.28
N PRO B 108 5.74 20.64 31.99
CA PRO B 108 6.59 20.72 30.82
C PRO B 108 7.63 19.61 30.84
N VAL B 109 7.87 18.99 29.71
CA VAL B 109 8.84 17.92 29.63
C VAL B 109 10.21 18.51 29.31
N PRO B 110 11.24 18.12 30.08
CA PRO B 110 12.59 18.64 29.84
C PRO B 110 13.18 18.02 28.58
N PHE B 111 13.88 18.82 27.79
CA PHE B 111 14.50 18.34 26.56
C PHE B 111 15.83 17.65 26.82
N SER B 112 16.22 16.79 25.88
CA SER B 112 17.48 16.05 25.95
C SER B 112 17.85 15.63 24.54
N ASP B 113 18.90 14.81 24.41
CA ASP B 113 19.34 14.35 23.10
C ASP B 113 18.28 13.45 22.46
N TYR B 114 17.35 12.96 23.29
CA TYR B 114 16.30 12.06 22.82
C TYR B 114 14.91 12.67 22.90
N ILE B 115 14.81 13.92 23.35
CA ILE B 115 13.52 14.57 23.43
C ILE B 115 13.65 15.99 22.87
N HIS B 116 12.98 16.25 21.75
CA HIS B 116 13.04 17.54 21.07
C HIS B 116 11.82 17.71 20.18
N PRO B 117 11.17 18.88 20.22
CA PRO B 117 9.98 19.08 19.38
C PRO B 117 10.24 19.16 17.86
N VAL B 118 9.22 18.83 17.08
CA VAL B 118 9.31 18.91 15.64
C VAL B 118 8.66 20.24 15.28
N CYS B 119 8.87 20.72 14.07
CA CYS B 119 8.29 21.98 13.65
C CYS B 119 6.94 21.84 12.94
N LEU B 120 6.09 22.84 13.11
CA LEU B 120 4.81 22.85 12.42
C LEU B 120 5.05 23.62 11.12
N PRO B 121 4.41 23.21 10.02
CA PRO B 121 4.61 23.89 8.73
C PRO B 121 3.98 25.27 8.58
N ASP B 122 4.46 25.99 7.56
CA ASP B 122 3.94 27.32 7.20
C ASP B 122 3.55 27.18 5.73
N LYS B 123 2.79 28.12 5.20
CA LYS B 123 2.34 28.06 3.81
C LYS B 123 3.49 27.77 2.86
N GLN B 124 4.61 28.43 3.10
CA GLN B 124 5.80 28.28 2.28
C GLN B 124 6.26 26.81 2.25
N THR B 125 6.40 26.22 3.44
CA THR B 125 6.82 24.84 3.56
C THR B 125 5.86 23.88 2.85
N VAL B 126 4.57 24.14 2.97
CA VAL B 126 3.61 23.28 2.32
C VAL B 126 3.73 23.33 0.80
N THR B 127 3.75 24.52 0.22
CA THR B 127 3.83 24.62 -1.23
C THR B 127 5.11 24.06 -1.82
N SER B 128 6.21 24.12 -1.07
CA SER B 128 7.45 23.60 -1.60
C SER B 128 7.65 22.10 -1.34
N LEU B 129 7.14 21.57 -0.23
CA LEU B 129 7.33 20.15 0.07
C LEU B 129 6.15 19.19 -0.07
N LEU B 130 4.94 19.65 0.22
CA LEU B 130 3.78 18.75 0.14
C LEU B 130 3.29 18.56 -1.28
N ARG B 131 4.03 17.78 -2.06
CA ARG B 131 3.63 17.51 -3.43
C ARG B 131 3.86 16.07 -3.85
N ALA B 132 2.99 15.57 -4.72
CA ALA B 132 3.06 14.19 -5.14
C ALA B 132 4.47 13.75 -5.59
N GLY B 133 4.91 12.60 -5.08
CA GLY B 133 6.22 12.11 -5.43
C GLY B 133 7.25 12.41 -4.36
N TYR B 134 7.11 13.55 -3.69
CA TYR B 134 8.05 13.89 -2.62
C TYR B 134 7.85 12.89 -1.50
N LYS B 135 8.94 12.48 -0.88
CA LYS B 135 8.88 11.51 0.20
C LYS B 135 8.93 12.11 1.57
N GLY B 136 8.20 11.47 2.48
CA GLY B 136 8.15 11.89 3.87
C GLY B 136 8.45 10.68 4.73
N ARG B 137 8.61 10.88 6.03
CA ARG B 137 8.93 9.78 6.94
C ARG B 137 7.91 9.56 8.05
N VAL B 138 7.62 8.29 8.31
CA VAL B 138 6.68 7.91 9.36
C VAL B 138 7.40 6.98 10.37
N THR B 139 7.15 7.20 11.66
CA THR B 139 7.76 6.40 12.71
C THR B 139 6.68 5.89 13.64
N GLY B 140 6.92 4.76 14.27
CA GLY B 140 5.92 4.23 15.17
C GLY B 140 6.25 2.88 15.75
N TRP B 141 5.34 2.36 16.57
CA TRP B 141 5.50 1.07 17.23
C TRP B 141 4.40 0.09 16.83
N GLY B 142 3.71 0.36 15.72
CA GLY B 142 2.63 -0.53 15.27
C GLY B 142 3.14 -1.87 14.79
N ASN B 143 2.25 -2.82 14.53
CA ASN B 143 2.65 -4.15 14.09
C ASN B 143 3.45 -4.15 12.78
N LEU B 144 4.28 -5.18 12.62
CA LEU B 144 5.13 -5.29 11.44
C LEU B 144 4.44 -5.94 10.27
N ARG B 145 3.37 -6.67 10.55
CA ARG B 145 2.65 -7.32 9.49
C ARG B 145 1.26 -7.72 9.91
N GLU B 146 0.52 -8.27 8.95
CA GLU B 146 -0.84 -8.72 9.12
C GLU B 146 -0.94 -9.66 10.31
N THR B 147 -1.96 -9.50 11.13
CA THR B 147 -2.15 -10.34 12.29
C THR B 147 -2.52 -11.75 11.81
N TRP B 148 -2.25 -12.76 12.64
CA TRP B 148 -2.58 -14.16 12.31
C TRP B 148 -1.58 -14.82 11.38
N THR B 149 -0.61 -14.07 10.87
CA THR B 149 0.36 -14.65 9.94
C THR B 149 1.63 -15.11 10.62
N THR B 150 1.55 -15.29 11.94
CA THR B 150 2.67 -15.74 12.77
C THR B 150 2.43 -15.31 14.21
N ASN B 151 3.26 -15.80 15.12
CA ASN B 151 3.16 -15.47 16.54
C ASN B 151 3.17 -13.95 16.75
N ILE B 152 2.29 -13.46 17.62
CA ILE B 152 2.18 -12.04 17.90
C ILE B 152 3.49 -11.37 18.32
N ASN B 153 4.29 -12.08 19.13
CA ASN B 153 5.55 -11.54 19.59
C ASN B 153 6.52 -11.26 18.42
N GLU B 154 6.23 -11.84 17.26
CA GLU B 154 7.06 -11.64 16.08
C GLU B 154 6.55 -10.55 15.13
N ILE B 155 5.39 -9.97 15.44
CA ILE B 155 4.86 -8.90 14.59
C ILE B 155 4.85 -7.56 15.32
N GLN B 156 5.18 -7.59 16.61
CA GLN B 156 5.26 -6.36 17.40
C GLN B 156 6.74 -6.06 17.56
N PRO B 157 7.20 -4.94 16.96
CA PRO B 157 8.61 -4.56 17.03
C PRO B 157 9.13 -4.35 18.46
N SER B 158 10.44 -4.51 18.63
CA SER B 158 11.07 -4.34 19.93
C SER B 158 11.56 -2.91 20.03
N VAL B 159 11.90 -2.35 18.89
CA VAL B 159 12.43 -1.00 18.78
C VAL B 159 11.61 -0.16 17.79
N LEU B 160 11.62 1.16 17.97
CA LEU B 160 10.90 2.08 17.11
C LEU B 160 11.22 1.85 15.62
N GLN B 161 10.18 1.89 14.79
CA GLN B 161 10.34 1.66 13.37
C GLN B 161 10.23 2.95 12.56
N VAL B 162 10.87 2.96 11.40
CA VAL B 162 10.83 4.11 10.52
C VAL B 162 10.71 3.63 9.09
N VAL B 163 10.06 4.43 8.26
CA VAL B 163 9.87 4.09 6.85
C VAL B 163 9.61 5.38 6.07
N ASN B 164 10.15 5.47 4.87
CA ASN B 164 9.97 6.67 4.05
C ASN B 164 8.88 6.40 3.01
N LEU B 165 7.92 7.30 2.90
CA LEU B 165 6.81 7.11 1.96
C LEU B 165 6.54 8.26 1.02
N PRO B 166 6.17 7.96 -0.24
CA PRO B 166 5.91 9.08 -1.15
C PRO B 166 4.47 9.60 -1.08
N ILE B 167 4.33 10.92 -1.15
CA ILE B 167 3.02 11.55 -1.14
C ILE B 167 2.33 11.16 -2.45
N VAL B 168 1.08 10.74 -2.38
CA VAL B 168 0.36 10.29 -3.55
C VAL B 168 -0.53 11.37 -4.17
N GLU B 169 -0.68 11.32 -5.50
CA GLU B 169 -1.49 12.27 -6.22
C GLU B 169 -2.94 12.17 -5.71
N ARG B 170 -3.49 13.31 -5.29
CA ARG B 170 -4.86 13.36 -4.76
C ARG B 170 -5.91 12.62 -5.61
N PRO B 171 -5.92 12.85 -6.94
CA PRO B 171 -6.90 12.17 -7.79
C PRO B 171 -6.67 10.67 -7.76
N VAL B 172 -5.40 10.27 -7.72
CA VAL B 172 -5.07 8.86 -7.71
C VAL B 172 -5.55 8.16 -6.44
N CYS B 173 -5.50 8.80 -5.29
CA CYS B 173 -5.98 8.06 -4.14
C CYS B 173 -7.49 8.15 -3.98
N LYS B 174 -8.09 9.24 -4.45
CA LYS B 174 -9.53 9.36 -4.35
C LYS B 174 -10.17 8.22 -5.15
N ALA B 175 -9.47 7.76 -6.18
CA ALA B 175 -9.96 6.69 -7.03
C ALA B 175 -9.67 5.30 -6.51
N SER B 176 -8.85 5.21 -5.47
CA SER B 176 -8.48 3.91 -4.91
C SER B 176 -9.33 3.46 -3.73
N THR B 177 -10.19 4.34 -3.23
CA THR B 177 -11.02 4.00 -2.09
C THR B 177 -12.40 4.64 -2.16
N ARG B 178 -13.36 4.03 -1.47
CA ARG B 178 -14.72 4.56 -1.42
C ARG B 178 -14.80 5.57 -0.30
N ILE B 179 -13.74 5.63 0.52
CA ILE B 179 -13.66 6.57 1.63
C ILE B 179 -13.40 7.96 1.09
N ARG B 180 -14.06 8.97 1.65
CA ARG B 180 -13.85 10.33 1.18
C ARG B 180 -12.57 10.94 1.72
N ILE B 181 -11.79 11.53 0.82
CA ILE B 181 -10.54 12.18 1.20
C ILE B 181 -10.76 13.66 1.02
N THR B 182 -10.91 14.36 2.14
CA THR B 182 -11.18 15.80 2.11
C THR B 182 -9.90 16.61 1.96
N ASP B 183 -10.06 17.92 1.79
CA ASP B 183 -8.92 18.80 1.61
C ASP B 183 -8.10 18.93 2.88
N ASN B 184 -8.54 18.24 3.93
CA ASN B 184 -7.84 18.27 5.20
C ASN B 184 -7.03 17.00 5.41
N MET B 185 -6.83 16.26 4.32
CA MET B 185 -6.04 15.06 4.39
C MET B 185 -5.23 14.87 3.09
N PHE B 186 -4.24 14.00 3.14
CA PHE B 186 -3.45 13.71 1.97
C PHE B 186 -3.07 12.26 2.09
N CYS B 187 -2.69 11.66 0.97
CA CYS B 187 -2.35 10.25 0.96
C CYS B 187 -0.88 10.04 0.71
N ALA B 188 -0.38 8.90 1.17
CA ALA B 188 1.01 8.53 0.96
C ALA B 188 1.13 7.01 0.87
N GLY B 189 2.08 6.56 0.05
CA GLY B 189 2.29 5.14 -0.14
C GLY B 189 2.96 4.85 -1.46
N PHE B 190 3.45 3.63 -1.62
CA PHE B 190 4.10 3.23 -2.85
C PHE B 190 3.04 2.75 -3.83
N LYS B 191 3.37 2.75 -5.12
CA LYS B 191 2.41 2.32 -6.13
C LYS B 191 1.99 0.87 -5.92
N VAL B 192 0.81 0.53 -6.43
CA VAL B 192 0.24 -0.80 -6.28
C VAL B 192 1.15 -2.01 -6.53
N ASN B 193 2.32 -1.79 -7.10
CA ASN B 193 3.24 -2.90 -7.37
C ASN B 193 4.42 -2.97 -6.40
N ASP B 194 5.50 -2.23 -6.66
CA ASP B 194 6.72 -2.20 -5.82
C ASP B 194 6.81 -3.30 -4.74
N THR B 195 6.32 -4.49 -5.07
CA THR B 195 6.27 -5.66 -4.20
C THR B 195 6.23 -5.47 -2.65
N LYS B 196 7.35 -5.15 -2.01
CA LYS B 196 7.37 -4.96 -0.55
C LYS B 196 7.12 -3.50 -0.17
N ARG B 197 5.86 -3.11 -0.24
CA ARG B 197 5.43 -1.73 0.03
C ARG B 197 5.32 -1.29 1.48
N GLY B 198 6.15 -0.32 1.86
CA GLY B 198 6.11 0.19 3.22
C GLY B 198 4.83 0.94 3.54
N ASP B 199 4.46 0.94 4.82
CA ASP B 199 3.26 1.64 5.22
C ASP B 199 3.13 1.67 6.73
N ALA B 200 2.16 2.44 7.22
CA ALA B 200 1.90 2.57 8.64
C ALA B 200 0.73 1.66 8.98
N CYS B 201 0.71 1.14 10.20
CA CYS B 201 -0.34 0.25 10.67
C CYS B 201 -1.12 0.91 11.81
N GLU B 202 -2.17 0.24 12.27
CA GLU B 202 -3.02 0.78 13.32
C GLU B 202 -2.29 1.33 14.54
N GLY B 203 -1.26 0.64 14.99
CA GLY B 203 -0.53 1.10 16.15
C GLY B 203 0.27 2.35 15.88
N ASP B 204 0.32 2.75 14.61
CA ASP B 204 1.07 3.93 14.21
C ASP B 204 0.17 5.17 14.14
N SER B 205 -1.14 4.96 14.10
CA SER B 205 -2.10 6.05 14.04
C SER B 205 -1.71 7.10 15.06
N GLY B 206 -1.92 8.37 14.71
CA GLY B 206 -1.59 9.45 15.62
C GLY B 206 -0.15 9.92 15.51
N GLY B 207 0.68 9.08 14.89
CA GLY B 207 2.08 9.42 14.72
C GLY B 207 2.30 10.49 13.68
N PRO B 208 3.52 11.03 13.59
CA PRO B 208 3.84 12.09 12.63
C PRO B 208 4.40 11.66 11.28
N PHE B 209 4.05 12.42 10.24
CA PHE B 209 4.55 12.24 8.88
C PHE B 209 5.43 13.49 8.73
N VAL B 210 6.73 13.31 8.78
CA VAL B 210 7.66 14.42 8.70
C VAL B 210 8.42 14.53 7.39
N MET B 211 8.92 15.73 7.12
CA MET B 211 9.69 16.01 5.94
C MET B 211 10.81 16.97 6.35
N LYS B 212 12.00 16.80 5.76
CA LYS B 212 13.12 17.68 6.10
C LYS B 212 13.31 18.77 5.07
N SER B 213 13.28 20.02 5.54
CA SER B 213 13.42 21.17 4.66
C SER B 213 14.80 21.36 4.08
N PRO B 214 14.92 21.28 2.75
CA PRO B 214 16.26 21.47 2.18
C PRO B 214 16.65 22.95 2.24
N PHE B 215 15.74 23.78 2.76
CA PHE B 215 15.98 25.22 2.85
C PHE B 215 16.51 25.73 4.18
N ASN B 216 16.05 25.16 5.29
CA ASN B 216 16.57 25.62 6.58
C ASN B 216 17.04 24.47 7.46
N ASN B 217 17.07 23.27 6.87
CA ASN B 217 17.54 22.07 7.56
C ASN B 217 16.66 21.50 8.69
N ARG B 218 15.49 22.09 8.90
CA ARG B 218 14.61 21.60 9.96
C ARG B 218 13.59 20.55 9.51
N TRP B 219 13.09 19.77 10.48
CA TRP B 219 12.07 18.75 10.23
C TRP B 219 10.69 19.33 10.52
N TYR B 220 9.75 19.11 9.59
CA TYR B 220 8.40 19.63 9.75
C TYR B 220 7.39 18.49 9.74
N GLN B 221 6.38 18.58 10.61
CA GLN B 221 5.35 17.55 10.60
C GLN B 221 4.29 18.00 9.60
N MET B 222 4.23 17.33 8.47
CA MET B 222 3.25 17.68 7.44
C MET B 222 1.92 16.98 7.66
N GLY B 223 1.97 15.83 8.34
CA GLY B 223 0.73 15.12 8.58
C GLY B 223 0.75 14.27 9.83
N ILE B 224 -0.44 13.83 10.22
CA ILE B 224 -0.66 12.96 11.38
C ILE B 224 -1.25 11.67 10.78
N VAL B 225 -0.69 10.53 11.16
CA VAL B 225 -1.18 9.24 10.64
C VAL B 225 -2.63 9.05 11.05
N SER B 226 -3.52 9.01 10.07
CA SER B 226 -4.95 8.82 10.38
C SER B 226 -5.44 7.40 10.06
N ALA B 227 -5.08 6.89 8.87
CA ALA B 227 -5.47 5.54 8.47
C ALA B 227 -4.45 4.91 7.55
N GLY B 228 -3.51 4.18 8.13
CA GLY B 228 -2.48 3.53 7.34
C GLY B 228 -3.09 2.33 6.63
N ALA B 229 -2.59 2.02 5.45
CA ALA B 229 -3.13 0.88 4.70
C ALA B 229 -2.27 -0.37 4.94
N GLY B 230 -1.47 -0.37 6.00
CA GLY B 230 -0.63 -1.51 6.28
C GLY B 230 -1.35 -2.57 7.09
N CYS B 231 -0.68 -3.69 7.27
CA CYS B 231 -1.20 -4.79 8.09
C CYS B 231 -2.59 -5.32 7.75
N ASP B 232 -3.52 -5.15 8.69
CA ASP B 232 -4.86 -5.68 8.49
C ASP B 232 -5.86 -4.83 7.73
N ARG B 233 -5.59 -3.54 7.59
CA ARG B 233 -6.52 -2.68 6.89
C ARG B 233 -6.54 -2.79 5.37
N LYS B 234 -7.75 -2.75 4.81
CA LYS B 234 -7.95 -2.81 3.36
C LYS B 234 -7.55 -1.46 2.78
N GLY B 235 -7.03 -1.48 1.57
CA GLY B 235 -6.63 -0.22 0.97
C GLY B 235 -5.23 -0.23 0.40
N LYS B 236 -4.98 0.73 -0.49
CA LYS B 236 -3.69 0.86 -1.15
C LYS B 236 -2.84 1.96 -0.54
N TYR B 237 -3.46 3.05 -0.11
CA TYR B 237 -2.70 4.15 0.47
C TYR B 237 -3.13 4.59 1.85
N GLY B 238 -2.18 5.17 2.59
CA GLY B 238 -2.48 5.64 3.92
C GLY B 238 -3.04 7.04 3.85
N PHE B 239 -3.86 7.38 4.83
CA PHE B 239 -4.48 8.70 4.92
C PHE B 239 -3.80 9.46 6.03
N TYR B 240 -3.54 10.74 5.80
CA TYR B 240 -2.89 11.57 6.82
C TYR B 240 -3.65 12.87 7.02
N THR B 241 -3.71 13.32 8.26
CA THR B 241 -4.36 14.58 8.54
C THR B 241 -3.35 15.67 8.09
N HIS B 242 -3.80 16.52 7.17
CA HIS B 242 -3.01 17.62 6.60
C HIS B 242 -2.83 18.66 7.70
N VAL B 243 -1.77 18.51 8.48
CA VAL B 243 -1.50 19.40 9.60
C VAL B 243 -1.61 20.89 9.35
N PHE B 244 -1.02 21.39 8.26
CA PHE B 244 -1.09 22.82 7.97
C PHE B 244 -2.51 23.38 7.90
N ARG B 245 -3.39 22.68 7.19
CA ARG B 245 -4.78 23.10 7.04
C ARG B 245 -5.50 23.23 8.38
N LEU B 246 -4.93 22.67 9.43
CA LEU B 246 -5.53 22.72 10.74
C LEU B 246 -4.71 23.57 11.69
N LYS B 247 -3.73 24.29 11.16
CA LYS B 247 -2.88 25.12 12.00
C LYS B 247 -3.62 26.22 12.75
N ARG B 248 -4.56 26.87 12.06
CA ARG B 248 -5.35 27.93 12.69
C ARG B 248 -6.10 27.41 13.90
N TRP B 249 -6.64 26.19 13.77
CA TRP B 249 -7.37 25.59 14.87
C TRP B 249 -6.41 25.29 15.99
N ILE B 250 -5.21 24.82 15.65
CA ILE B 250 -4.22 24.52 16.67
C ILE B 250 -3.94 25.80 17.44
N GLN B 251 -3.73 26.89 16.71
CA GLN B 251 -3.44 28.17 17.34
C GLN B 251 -4.60 28.66 18.22
N LYS B 252 -5.82 28.56 17.69
CA LYS B 252 -7.00 28.99 18.44
C LYS B 252 -7.00 28.29 19.80
N VAL B 253 -6.88 26.97 19.77
CA VAL B 253 -6.87 26.20 21.00
C VAL B 253 -5.76 26.63 21.93
N ILE B 254 -4.53 26.70 21.43
CA ILE B 254 -3.40 27.08 22.25
C ILE B 254 -3.48 28.53 22.76
N ASP B 255 -3.89 29.46 21.91
CA ASP B 255 -4.01 30.86 22.33
C ASP B 255 -4.88 30.95 23.59
N GLN B 256 -6.07 30.38 23.50
CA GLN B 256 -7.03 30.38 24.59
C GLN B 256 -6.81 29.31 25.65
N PHE B 257 -6.08 28.27 25.28
CA PHE B 257 -5.82 27.11 26.15
C PHE B 257 -7.09 26.27 26.17
N GLY B 258 -7.80 26.26 25.04
CA GLY B 258 -9.03 25.48 24.94
C GLY B 258 -10.16 26.05 25.76
N PHE C 1 30.56 23.91 -39.03
CA PHE C 1 29.41 22.98 -39.02
C PHE C 1 28.21 23.60 -39.73
N HIS C 2 27.63 22.87 -40.67
CA HIS C 2 26.50 23.36 -41.44
C HIS C 2 25.15 23.27 -40.73
N THR C 3 24.59 24.43 -40.43
CA THR C 3 23.29 24.56 -39.78
C THR C 3 22.20 23.99 -40.69
N PHE C 4 21.10 23.53 -40.11
CA PHE C 4 20.01 22.94 -40.89
C PHE C 4 18.64 23.37 -40.37
N PHE C 5 18.60 23.97 -39.18
CA PHE C 5 17.34 24.42 -38.58
C PHE C 5 17.34 25.92 -38.33
N ASN C 6 16.15 26.46 -38.12
CA ASN C 6 16.00 27.87 -37.83
C ASN C 6 16.14 28.03 -36.32
N GLU C 7 17.13 28.81 -35.90
CA GLU C 7 17.39 29.04 -34.49
C GLU C 7 16.11 29.42 -33.71
N LYS C 8 15.24 30.20 -34.34
CA LYS C 8 14.01 30.64 -33.70
C LYS C 8 13.12 29.51 -33.18
N THR C 9 13.00 28.44 -33.96
CA THR C 9 12.16 27.31 -33.57
C THR C 9 12.94 26.12 -33.02
N PHE C 10 14.21 26.05 -33.35
CA PHE C 10 15.03 24.95 -32.89
C PHE C 10 15.61 25.22 -31.51
N GLY C 11 15.88 26.49 -31.22
CA GLY C 11 16.48 26.85 -29.95
C GLY C 11 17.98 26.97 -30.18
N LEU C 12 18.72 27.41 -29.18
CA LEU C 12 20.16 27.54 -29.32
C LEU C 12 20.87 26.20 -29.32
N GLY C 13 22.13 26.20 -29.76
CA GLY C 13 22.91 24.98 -29.74
C GLY C 13 23.35 24.27 -31.00
N GLU C 14 22.66 24.44 -32.12
CA GLU C 14 23.04 23.69 -33.31
C GLU C 14 24.47 23.90 -33.80
N ALA C 15 24.93 25.15 -33.80
CA ALA C 15 26.28 25.47 -34.26
C ALA C 15 27.40 24.73 -33.51
N ASP C 16 27.27 24.65 -32.19
CA ASP C 16 28.29 24.00 -31.38
C ASP C 16 27.98 22.56 -30.92
N CYS C 17 26.99 21.93 -31.55
CA CYS C 17 26.59 20.57 -31.20
C CYS C 17 27.72 19.54 -31.34
N GLY C 18 27.67 18.50 -30.52
CA GLY C 18 28.65 17.43 -30.59
C GLY C 18 30.05 17.63 -30.02
N LEU C 19 30.35 18.83 -29.50
CA LEU C 19 31.67 19.09 -28.94
C LEU C 19 31.56 19.17 -27.42
N ARG C 20 31.93 18.09 -26.75
CA ARG C 20 31.88 17.98 -25.29
C ARG C 20 32.84 18.93 -24.61
N PRO C 21 32.31 19.84 -23.77
CA PRO C 21 33.09 20.84 -23.04
C PRO C 21 34.29 20.29 -22.24
N LEU C 22 34.17 19.09 -21.70
CA LEU C 22 35.25 18.51 -20.91
C LEU C 22 36.14 17.57 -21.70
N PHE C 23 35.98 17.59 -23.02
CA PHE C 23 36.81 16.72 -23.84
C PHE C 23 37.29 17.42 -25.12
N GLU C 24 36.51 17.37 -26.20
CA GLU C 24 36.94 18.04 -27.42
C GLU C 24 37.31 19.52 -27.16
N LYS C 25 36.54 20.19 -26.31
CA LYS C 25 36.80 21.59 -25.99
C LYS C 25 38.06 21.81 -25.16
N LYS C 26 38.68 20.71 -24.73
CA LYS C 26 39.90 20.80 -23.91
C LYS C 26 41.03 19.96 -24.50
N SER C 27 40.79 19.36 -25.66
CA SER C 27 41.79 18.52 -26.33
C SER C 27 42.03 17.23 -25.56
N LEU C 28 41.10 16.88 -24.67
CA LEU C 28 41.20 15.66 -23.88
C LEU C 28 40.34 14.59 -24.54
N LYS C 29 40.67 13.33 -24.31
CA LYS C 29 39.93 12.24 -24.91
C LYS C 29 39.39 11.28 -23.84
N ASP C 30 38.20 10.76 -24.04
CA ASP C 30 37.64 9.85 -23.05
C ASP C 30 38.20 8.44 -23.17
N THR C 31 38.13 7.73 -22.06
CA THR C 31 38.61 6.36 -21.91
C THR C 31 38.41 5.35 -23.04
N THR C 32 37.37 5.49 -23.87
CA THR C 32 37.19 4.51 -24.94
C THR C 32 36.91 5.08 -26.33
N GLU C 33 37.21 6.36 -26.51
CA GLU C 33 37.02 7.01 -27.82
C GLU C 33 37.68 6.18 -28.90
N LYS C 34 38.94 5.81 -28.66
CA LYS C 34 39.70 5.04 -29.63
C LYS C 34 39.04 3.75 -30.09
N GLU C 35 38.39 3.03 -29.19
CA GLU C 35 37.73 1.79 -29.59
C GLU C 35 36.76 2.05 -30.74
N LEU C 36 36.24 3.28 -30.79
CA LEU C 36 35.29 3.67 -31.83
C LEU C 36 36.04 4.08 -33.10
N LEU C 37 36.95 5.03 -32.97
CA LEU C 37 37.71 5.49 -34.12
C LEU C 37 38.41 4.30 -34.78
N ASP C 38 38.96 3.40 -33.96
CA ASP C 38 39.65 2.23 -34.49
C ASP C 38 38.69 1.31 -35.24
N SER C 39 37.40 1.41 -34.96
CA SER C 39 36.44 0.56 -35.64
C SER C 39 36.18 1.08 -37.05
N TYR C 40 36.65 2.29 -37.33
CA TYR C 40 36.46 2.89 -38.65
C TYR C 40 37.59 2.44 -39.57
N ILE C 41 37.65 1.13 -39.82
CA ILE C 41 38.66 0.52 -40.68
C ILE C 41 39.07 1.39 -41.88
N ASP C 42 40.39 1.54 -42.05
CA ASP C 42 41.00 2.33 -43.13
C ASP C 42 40.31 2.07 -44.48
N ILE D 1 22.16 -0.99 -18.93
CA ILE D 1 23.28 -1.39 -19.84
C ILE D 1 24.05 -2.59 -19.30
N VAL D 2 24.12 -3.65 -20.11
CA VAL D 2 24.83 -4.86 -19.73
C VAL D 2 26.26 -4.86 -20.25
N GLU D 3 27.18 -5.28 -19.38
CA GLU D 3 28.59 -5.34 -19.72
C GLU D 3 29.18 -3.98 -20.07
N GLY D 4 28.61 -2.94 -19.48
CA GLY D 4 29.11 -1.60 -19.73
C GLY D 4 30.04 -1.20 -18.60
N TRP D 5 30.33 0.08 -18.47
CA TRP D 5 31.19 0.56 -17.41
C TRP D 5 30.80 1.96 -17.00
N ASP D 6 31.25 2.38 -15.82
CA ASP D 6 30.95 3.72 -15.32
C ASP D 6 31.38 4.81 -16.30
N ALA D 7 30.47 5.74 -16.57
CA ALA D 7 30.76 6.83 -17.47
C ALA D 7 31.56 7.90 -16.72
N GLU D 8 32.46 8.56 -17.43
CA GLU D 8 33.26 9.61 -16.83
C GLU D 8 32.36 10.84 -16.86
N LYS D 9 32.54 11.76 -15.93
CA LYS D 9 31.72 12.95 -15.92
C LYS D 9 31.83 13.66 -17.26
N GLY D 10 30.71 14.20 -17.73
CA GLY D 10 30.69 14.92 -18.99
C GLY D 10 30.95 14.11 -20.25
N ILE D 11 30.95 12.79 -20.16
CA ILE D 11 31.22 12.00 -21.34
C ILE D 11 30.07 12.02 -22.37
N ALA D 12 28.84 12.22 -21.91
CA ALA D 12 27.68 12.28 -22.80
C ALA D 12 26.77 13.35 -22.25
N PRO D 13 27.23 14.61 -22.29
CA PRO D 13 26.51 15.77 -21.80
C PRO D 13 25.15 15.96 -22.43
N TRP D 14 24.78 15.07 -23.35
CA TRP D 14 23.50 15.14 -24.03
C TRP D 14 22.55 14.10 -23.48
N GLN D 15 23.05 13.21 -22.64
CA GLN D 15 22.23 12.17 -22.04
C GLN D 15 21.13 12.83 -21.21
N VAL D 16 19.90 12.36 -21.38
CA VAL D 16 18.77 12.90 -20.64
C VAL D 16 18.03 11.76 -19.94
N MET D 17 17.48 12.06 -18.78
CA MET D 17 16.72 11.07 -18.02
C MET D 17 15.22 11.42 -18.10
N LEU D 18 14.42 10.48 -18.59
CA LEU D 18 12.98 10.72 -18.65
C LEU D 18 12.47 10.25 -17.29
N PHE D 19 11.96 11.20 -16.51
CA PHE D 19 11.51 10.92 -15.14
C PHE D 19 10.01 11.08 -14.87
N ARG D 20 9.44 10.12 -14.15
CA ARG D 20 8.02 10.18 -13.80
C ARG D 20 7.87 11.00 -12.54
N LYS D 21 6.91 11.92 -12.52
CA LYS D 21 6.66 12.77 -11.36
C LYS D 21 6.17 12.03 -10.12
N SER D 22 5.15 11.19 -10.30
CA SER D 22 4.55 10.47 -9.18
C SER D 22 3.79 9.21 -9.60
N PRO D 23 4.25 8.03 -9.16
CA PRO D 23 5.42 7.82 -8.29
C PRO D 23 6.72 8.14 -9.02
N GLN D 24 7.66 8.75 -8.32
CA GLN D 24 8.95 9.11 -8.90
C GLN D 24 9.72 7.89 -9.38
N GLU D 25 10.16 7.92 -10.63
CA GLU D 25 10.92 6.80 -11.17
C GLU D 25 11.57 7.07 -12.53
N LEU D 26 12.68 6.36 -12.76
CA LEU D 26 13.41 6.46 -13.99
C LEU D 26 12.59 5.70 -15.04
N LEU D 27 12.18 6.39 -16.09
CA LEU D 27 11.38 5.73 -17.12
C LEU D 27 12.19 5.28 -18.31
N CYS D 28 12.97 6.20 -18.87
CA CYS D 28 13.75 5.92 -20.06
C CYS D 28 14.91 6.90 -20.21
N GLY D 29 15.71 6.66 -21.23
CA GLY D 29 16.79 7.56 -21.55
C GLY D 29 16.24 8.53 -22.59
N ALA D 30 17.04 9.54 -22.93
CA ALA D 30 16.61 10.52 -23.91
C ALA D 30 17.85 11.34 -24.23
N SER D 31 17.76 12.17 -25.26
CA SER D 31 18.91 12.98 -25.64
C SER D 31 18.54 14.43 -25.87
N LEU D 32 19.53 15.30 -25.66
CA LEU D 32 19.38 16.73 -25.84
C LEU D 32 19.88 17.11 -27.26
N ILE D 33 19.06 17.77 -28.06
CA ILE D 33 19.52 18.16 -29.39
C ILE D 33 19.56 19.67 -29.57
N SER D 34 19.06 20.40 -28.57
CA SER D 34 19.07 21.86 -28.58
C SER D 34 18.68 22.24 -27.15
N ASP D 35 18.68 23.53 -26.82
CA ASP D 35 18.32 23.92 -25.47
C ASP D 35 16.81 23.85 -25.24
N ARG D 36 16.08 23.32 -26.21
CA ARG D 36 14.63 23.18 -26.07
C ARG D 36 14.02 21.89 -26.59
N TRP D 37 14.77 21.12 -27.37
CA TRP D 37 14.21 19.88 -27.89
C TRP D 37 14.94 18.64 -27.40
N VAL D 38 14.16 17.62 -27.07
CA VAL D 38 14.71 16.37 -26.59
C VAL D 38 14.11 15.25 -27.42
N LEU D 39 14.95 14.27 -27.72
CA LEU D 39 14.57 13.12 -28.52
C LEU D 39 14.49 11.91 -27.61
N THR D 40 13.54 11.03 -27.88
CA THR D 40 13.36 9.80 -27.12
C THR D 40 12.58 8.79 -27.96
N ALA D 41 12.22 7.66 -27.34
CA ALA D 41 11.49 6.63 -28.05
C ALA D 41 10.00 6.84 -27.81
N ALA D 42 9.20 6.62 -28.84
CA ALA D 42 7.77 6.80 -28.70
C ALA D 42 7.21 5.81 -27.67
N HIS D 43 7.70 4.58 -27.65
CA HIS D 43 7.16 3.61 -26.70
C HIS D 43 7.46 3.99 -25.25
N CYS D 44 8.29 4.99 -25.04
CA CYS D 44 8.59 5.44 -23.69
C CYS D 44 7.43 6.28 -23.19
N ILE D 45 6.69 6.85 -24.13
CA ILE D 45 5.55 7.69 -23.81
C ILE D 45 4.23 6.96 -24.04
N LEU D 46 4.18 6.13 -25.08
CA LEU D 46 2.96 5.43 -25.42
C LEU D 46 3.12 3.95 -25.70
N TYR D 47 2.52 3.14 -24.84
CA TYR D 47 2.55 1.68 -24.99
C TYR D 47 1.50 1.10 -24.06
N PRO D 48 0.26 0.96 -24.55
CA PRO D 48 -0.87 0.40 -23.79
C PRO D 48 -0.56 -0.91 -23.07
N PRO D 49 0.10 -1.86 -23.78
CA PRO D 49 0.44 -3.15 -23.18
C PRO D 49 1.06 -3.03 -21.79
N TRP D 50 2.04 -2.14 -21.62
CA TRP D 50 2.65 -1.97 -20.29
C TRP D 50 2.00 -0.79 -19.57
N ASP D 51 0.73 -0.55 -19.91
CA ASP D 51 -0.07 0.54 -19.33
C ASP D 51 0.62 1.90 -19.29
N LYS D 52 1.12 2.32 -20.45
CA LYS D 52 1.81 3.59 -20.63
C LYS D 52 1.11 4.51 -21.61
N ASN D 53 0.83 5.74 -21.19
CA ASN D 53 0.22 6.73 -22.07
C ASN D 53 0.36 8.07 -21.34
N PHE D 54 1.60 8.54 -21.24
CA PHE D 54 1.92 9.78 -20.55
C PHE D 54 1.65 11.04 -21.33
N THR D 55 1.50 12.14 -20.60
CA THR D 55 1.27 13.45 -21.20
C THR D 55 2.26 14.44 -20.57
N GLU D 56 2.33 15.64 -21.13
CA GLU D 56 3.24 16.65 -20.65
C GLU D 56 3.35 16.74 -19.13
N ASN D 57 2.23 16.62 -18.43
CA ASN D 57 2.25 16.75 -16.96
C ASN D 57 2.68 15.57 -16.10
N ASP D 58 2.76 14.38 -16.69
CA ASP D 58 3.18 13.20 -15.95
C ASP D 58 4.69 13.06 -15.83
N LEU D 59 5.43 13.71 -16.75
CA LEU D 59 6.88 13.58 -16.76
C LEU D 59 7.70 14.84 -16.58
N LEU D 60 8.99 14.60 -16.42
CA LEU D 60 10.01 15.62 -16.26
C LEU D 60 11.24 15.05 -16.97
N VAL D 61 12.19 15.90 -17.30
CA VAL D 61 13.42 15.40 -17.91
C VAL D 61 14.52 15.98 -17.05
N ARG D 62 15.49 15.13 -16.75
CA ARG D 62 16.62 15.52 -15.94
C ARG D 62 17.85 15.55 -16.81
N ILE D 63 18.45 16.73 -16.90
CA ILE D 63 19.59 16.94 -17.77
C ILE D 63 20.87 17.22 -17.02
N GLY D 64 21.96 16.61 -17.48
CA GLY D 64 23.26 16.82 -16.89
C GLY D 64 23.49 15.94 -15.68
N LYS D 65 22.90 14.76 -15.67
CA LYS D 65 23.03 13.85 -14.54
C LYS D 65 24.14 12.84 -14.73
N HIS D 66 24.59 12.29 -13.61
CA HIS D 66 25.62 11.27 -13.59
C HIS D 66 25.05 10.17 -12.69
N SER D 67 24.85 10.50 -11.42
CA SER D 67 24.27 9.58 -10.45
C SER D 67 22.88 9.16 -10.92
N ARG D 68 22.51 7.92 -10.64
CA ARG D 68 21.19 7.44 -11.05
C ARG D 68 20.08 7.91 -10.13
N THR D 69 20.43 8.20 -8.87
CA THR D 69 19.44 8.60 -7.88
C THR D 69 19.66 9.92 -7.18
N ARG D 70 20.91 10.25 -6.86
CA ARG D 70 21.18 11.49 -6.16
C ARG D 70 20.71 12.73 -6.91
N TYR D 71 20.17 13.68 -6.15
CA TYR D 71 19.72 14.94 -6.72
C TYR D 71 21.01 15.72 -6.81
N GLU D 72 21.59 15.76 -8.00
CA GLU D 72 22.84 16.43 -8.26
C GLU D 72 22.67 17.92 -8.47
N ARG D 73 22.38 18.63 -7.39
CA ARG D 73 22.19 20.08 -7.44
C ARG D 73 23.42 20.74 -8.05
N ASN D 74 23.28 21.99 -8.46
CA ASN D 74 24.41 22.73 -9.04
C ASN D 74 24.88 22.18 -10.38
N VAL D 75 24.39 21.00 -10.75
CA VAL D 75 24.78 20.38 -12.01
C VAL D 75 23.58 20.01 -12.88
N GLU D 76 22.72 19.13 -12.37
CA GLU D 76 21.57 18.75 -13.18
C GLU D 76 20.51 19.82 -13.20
N LYS D 77 19.70 19.80 -14.25
CA LYS D 77 18.60 20.73 -14.42
C LYS D 77 17.35 19.88 -14.59
N ILE D 78 16.30 20.22 -13.84
CA ILE D 78 15.04 19.49 -13.94
C ILE D 78 14.15 20.32 -14.85
N SER D 79 13.68 19.73 -15.94
CA SER D 79 12.85 20.48 -16.87
C SER D 79 11.44 19.95 -17.05
N MET D 80 10.48 20.87 -17.07
CA MET D 80 9.10 20.49 -17.30
C MET D 80 8.92 20.51 -18.81
N LEU D 81 8.01 19.68 -19.30
CA LEU D 81 7.73 19.58 -20.71
C LEU D 81 6.57 20.49 -21.08
N GLU D 82 6.63 21.05 -22.28
CA GLU D 82 5.57 21.90 -22.77
C GLU D 82 4.63 21.07 -23.63
N LYS D 83 5.20 20.12 -24.36
CA LYS D 83 4.41 19.30 -25.25
C LYS D 83 5.23 18.09 -25.66
N ILE D 84 4.54 17.03 -26.04
CA ILE D 84 5.18 15.79 -26.48
C ILE D 84 4.63 15.47 -27.86
N TYR D 85 5.52 15.20 -28.81
CA TYR D 85 5.06 14.87 -30.15
C TYR D 85 5.58 13.48 -30.52
N VAL D 86 4.68 12.50 -30.56
CA VAL D 86 5.12 11.16 -30.92
C VAL D 86 4.79 11.01 -32.40
N HIS D 87 5.62 10.28 -33.12
CA HIS D 87 5.40 10.10 -34.54
C HIS D 87 4.01 9.55 -34.83
N PRO D 88 3.25 10.25 -35.69
CA PRO D 88 1.88 9.86 -36.06
C PRO D 88 1.75 8.45 -36.62
N ARG D 89 2.77 7.96 -37.29
CA ARG D 89 2.72 6.61 -37.85
C ARG D 89 3.37 5.57 -36.94
N TYR D 90 3.55 5.93 -35.68
CA TYR D 90 4.12 4.99 -34.71
C TYR D 90 2.99 4.06 -34.31
N ASN D 91 3.20 2.77 -34.49
CA ASN D 91 2.17 1.81 -34.10
C ASN D 91 2.77 0.71 -33.24
N TRP D 92 2.38 0.72 -31.98
CA TRP D 92 2.85 -0.25 -31.00
C TRP D 92 2.25 -1.62 -31.32
N ARG D 93 0.97 -1.63 -31.66
CA ARG D 93 0.27 -2.86 -32.00
C ARG D 93 1.14 -3.74 -32.89
N GLU D 94 1.60 -3.17 -34.01
CA GLU D 94 2.45 -3.87 -34.96
C GLU D 94 3.83 -4.09 -34.31
N ASN D 95 4.88 -3.54 -34.92
CA ASN D 95 6.22 -3.66 -34.37
C ASN D 95 6.66 -2.27 -33.90
N LEU D 96 7.96 -2.08 -33.67
CA LEU D 96 8.45 -0.80 -33.21
C LEU D 96 9.05 0.06 -34.31
N ASP D 97 8.25 0.31 -35.34
CA ASP D 97 8.66 1.12 -36.48
C ASP D 97 8.35 2.59 -36.21
N ARG D 98 9.28 3.46 -36.58
CA ARG D 98 9.11 4.89 -36.37
C ARG D 98 8.90 5.17 -34.88
N ASP D 99 9.65 4.43 -34.07
CA ASP D 99 9.59 4.55 -32.61
C ASP D 99 10.43 5.76 -32.24
N ILE D 100 9.80 6.93 -32.22
CA ILE D 100 10.51 8.16 -31.90
C ILE D 100 9.54 9.21 -31.37
N ALA D 101 10.05 10.13 -30.57
CA ALA D 101 9.21 11.18 -30.03
C ALA D 101 10.05 12.41 -29.73
N LEU D 102 9.43 13.58 -29.83
CA LEU D 102 10.11 14.83 -29.57
C LEU D 102 9.47 15.45 -28.34
N LEU D 103 10.30 15.96 -27.45
CA LEU D 103 9.80 16.58 -26.23
C LEU D 103 10.28 18.02 -26.22
N LYS D 104 9.33 18.94 -26.11
CA LYS D 104 9.67 20.35 -26.07
C LYS D 104 9.69 20.80 -24.61
N LEU D 105 10.79 21.42 -24.19
CA LEU D 105 10.93 21.89 -22.82
C LEU D 105 10.17 23.20 -22.63
N LYS D 106 9.62 23.43 -21.43
CA LYS D 106 8.89 24.66 -21.18
C LYS D 106 9.80 25.87 -21.28
N LYS D 107 10.97 25.78 -20.67
CA LYS D 107 11.96 26.86 -20.70
C LYS D 107 13.27 26.32 -21.28
N PRO D 108 14.08 27.19 -21.88
CA PRO D 108 15.35 26.74 -22.47
C PRO D 108 16.32 26.33 -21.36
N VAL D 109 16.99 25.20 -21.53
CA VAL D 109 17.93 24.71 -20.54
C VAL D 109 19.31 25.32 -20.76
N PRO D 110 19.91 25.90 -19.71
CA PRO D 110 21.25 26.50 -19.83
C PRO D 110 22.35 25.46 -19.98
N PHE D 111 23.28 25.70 -20.91
CA PHE D 111 24.38 24.76 -21.13
C PHE D 111 25.49 24.92 -20.10
N SER D 112 26.32 23.88 -19.98
CA SER D 112 27.41 23.87 -19.02
C SER D 112 28.36 22.74 -19.40
N ASP D 113 29.30 22.43 -18.52
CA ASP D 113 30.25 21.35 -18.78
C ASP D 113 29.56 20.00 -18.78
N TYR D 114 28.36 19.96 -18.21
CA TYR D 114 27.63 18.71 -18.11
C TYR D 114 26.39 18.68 -19.00
N ILE D 115 26.00 19.82 -19.52
CA ILE D 115 24.84 19.90 -20.38
C ILE D 115 25.20 20.51 -21.75
N HIS D 116 25.17 19.66 -22.78
CA HIS D 116 25.49 20.09 -24.13
C HIS D 116 24.83 19.16 -25.15
N PRO D 117 24.21 19.75 -26.18
CA PRO D 117 23.54 18.97 -27.23
C PRO D 117 24.43 18.16 -28.18
N VAL D 118 23.86 17.06 -28.68
CA VAL D 118 24.56 16.19 -29.61
C VAL D 118 24.09 16.64 -31.00
N CYS D 119 24.83 16.29 -32.05
CA CYS D 119 24.45 16.68 -33.41
C CYS D 119 23.54 15.66 -34.07
N LEU D 120 22.68 16.15 -34.96
CA LEU D 120 21.78 15.28 -35.71
C LEU D 120 22.52 15.01 -37.03
N PRO D 121 22.48 13.77 -37.52
CA PRO D 121 23.17 13.40 -38.76
C PRO D 121 22.60 13.93 -40.08
N ASP D 122 23.47 14.01 -41.09
CA ASP D 122 23.10 14.42 -42.44
C ASP D 122 23.40 13.21 -43.30
N LYS D 123 23.02 13.22 -44.56
CA LYS D 123 23.26 12.06 -45.43
C LYS D 123 24.73 11.63 -45.49
N GLN D 124 25.64 12.60 -45.58
CA GLN D 124 27.06 12.28 -45.63
C GLN D 124 27.41 11.37 -44.48
N THR D 125 27.21 11.90 -43.29
CA THR D 125 27.50 11.21 -42.03
C THR D 125 26.99 9.78 -41.98
N VAL D 126 25.78 9.56 -42.47
CA VAL D 126 25.20 8.23 -42.47
C VAL D 126 25.99 7.32 -43.40
N THR D 127 26.09 7.71 -44.67
CA THR D 127 26.81 6.92 -45.65
C THR D 127 28.23 6.60 -45.19
N SER D 128 28.91 7.57 -44.60
CA SER D 128 30.28 7.33 -44.15
C SER D 128 30.48 6.63 -42.80
N LEU D 129 29.52 6.75 -41.88
CA LEU D 129 29.70 6.12 -40.57
C LEU D 129 28.74 4.99 -40.21
N LEU D 130 27.49 5.10 -40.62
CA LEU D 130 26.53 4.07 -40.28
C LEU D 130 26.71 2.79 -41.09
N ARG D 131 27.79 2.07 -40.85
CA ARG D 131 28.02 0.83 -41.57
C ARG D 131 28.51 -0.33 -40.72
N ALA D 132 28.04 -1.53 -41.06
CA ALA D 132 28.38 -2.75 -40.34
C ALA D 132 29.80 -2.78 -39.82
N GLY D 133 29.95 -3.22 -38.57
CA GLY D 133 31.27 -3.30 -37.96
C GLY D 133 31.69 -2.04 -37.26
N TYR D 134 31.26 -0.89 -37.78
CA TYR D 134 31.58 0.38 -37.16
C TYR D 134 30.93 0.42 -35.77
N LYS D 135 31.63 0.99 -34.80
CA LYS D 135 31.12 1.04 -33.44
C LYS D 135 30.48 2.36 -33.01
N GLY D 136 29.35 2.23 -32.31
CA GLY D 136 28.65 3.39 -31.80
C GLY D 136 28.54 3.25 -30.28
N ARG D 137 28.22 4.35 -29.60
CA ARG D 137 28.11 4.30 -28.15
C ARG D 137 26.69 4.51 -27.63
N VAL D 138 26.35 3.74 -26.59
CA VAL D 138 25.04 3.84 -25.95
C VAL D 138 25.27 4.11 -24.47
N THR D 139 24.48 5.01 -23.90
CA THR D 139 24.60 5.32 -22.48
C THR D 139 23.24 5.26 -21.84
N GLY D 140 23.19 5.00 -20.54
CA GLY D 140 21.91 4.91 -19.86
C GLY D 140 21.98 4.42 -18.44
N TRP D 141 20.85 4.47 -17.75
CA TRP D 141 20.75 4.04 -16.36
C TRP D 141 19.94 2.77 -16.22
N GLY D 142 19.86 1.98 -17.28
CA GLY D 142 19.11 0.73 -17.23
C GLY D 142 19.76 -0.29 -16.33
N ASN D 143 19.07 -1.40 -16.09
CA ASN D 143 19.60 -2.46 -15.24
C ASN D 143 20.86 -3.09 -15.81
N LEU D 144 21.63 -3.72 -14.94
CA LEU D 144 22.89 -4.35 -15.33
C LEU D 144 22.68 -5.80 -15.76
N ARG D 145 21.55 -6.38 -15.35
CA ARG D 145 21.22 -7.75 -15.69
C ARG D 145 19.71 -7.93 -15.67
N GLU D 146 19.27 -9.11 -16.08
CA GLU D 146 17.84 -9.43 -16.13
C GLU D 146 17.22 -9.76 -14.78
N THR D 147 17.77 -10.76 -14.09
CA THR D 147 17.22 -11.19 -12.82
C THR D 147 17.96 -10.72 -11.57
N TRP D 148 17.17 -10.37 -10.54
CA TRP D 148 17.68 -9.93 -9.26
C TRP D 148 17.23 -10.97 -8.22
N THR D 149 18.09 -11.24 -7.25
CA THR D 149 17.80 -12.24 -6.23
C THR D 149 17.14 -11.73 -4.94
N THR D 150 17.85 -10.91 -4.17
CA THR D 150 17.29 -10.43 -2.92
C THR D 150 16.57 -9.08 -3.03
N ASN D 151 17.08 -8.19 -3.87
CA ASN D 151 16.48 -6.88 -4.06
C ASN D 151 16.88 -6.33 -5.43
N ILE D 152 15.96 -5.59 -6.05
CA ILE D 152 16.20 -5.03 -7.37
C ILE D 152 17.49 -4.18 -7.37
N ASN D 153 17.72 -3.46 -6.28
CA ASN D 153 18.90 -2.62 -6.16
C ASN D 153 20.20 -3.32 -6.52
N GLU D 154 20.18 -4.64 -6.56
CA GLU D 154 21.40 -5.38 -6.88
C GLU D 154 21.76 -5.37 -8.37
N ILE D 155 20.81 -5.03 -9.22
CA ILE D 155 21.12 -5.02 -10.65
C ILE D 155 20.88 -3.68 -11.32
N GLN D 156 20.90 -2.62 -10.53
CA GLN D 156 20.73 -1.28 -11.07
C GLN D 156 21.95 -0.46 -10.66
N PRO D 157 22.61 0.17 -11.65
CA PRO D 157 23.80 0.98 -11.42
C PRO D 157 23.54 2.18 -10.55
N SER D 158 24.61 2.72 -9.98
CA SER D 158 24.47 3.89 -9.13
C SER D 158 24.83 5.10 -9.98
N VAL D 159 25.52 4.82 -11.07
CA VAL D 159 25.98 5.85 -11.98
C VAL D 159 25.73 5.49 -13.44
N LEU D 160 25.58 6.50 -14.28
CA LEU D 160 25.34 6.32 -15.72
C LEU D 160 26.32 5.33 -16.35
N GLN D 161 25.80 4.38 -17.11
CA GLN D 161 26.61 3.38 -17.77
C GLN D 161 26.88 3.72 -19.25
N VAL D 162 27.98 3.20 -19.77
CA VAL D 162 28.35 3.42 -21.16
C VAL D 162 28.87 2.13 -21.78
N VAL D 163 28.44 1.86 -23.01
CA VAL D 163 28.85 0.65 -23.71
C VAL D 163 29.01 0.92 -25.21
N ASN D 164 30.09 0.42 -25.79
CA ASN D 164 30.34 0.59 -27.22
C ASN D 164 29.85 -0.67 -27.93
N LEU D 165 29.03 -0.48 -28.97
CA LEU D 165 28.48 -1.61 -29.71
C LEU D 165 28.72 -1.46 -31.22
N PRO D 166 29.09 -2.56 -31.88
CA PRO D 166 29.35 -2.56 -33.33
C PRO D 166 28.05 -2.68 -34.12
N ILE D 167 27.92 -1.92 -35.20
CA ILE D 167 26.73 -1.96 -36.03
C ILE D 167 26.67 -3.32 -36.72
N VAL D 168 25.48 -3.91 -36.74
CA VAL D 168 25.28 -5.23 -37.32
C VAL D 168 24.74 -5.24 -38.75
N GLU D 169 25.18 -6.23 -39.52
CA GLU D 169 24.76 -6.44 -40.90
C GLU D 169 23.23 -6.53 -40.99
N ARG D 170 22.63 -5.73 -41.86
CA ARG D 170 21.18 -5.74 -41.99
C ARG D 170 20.62 -7.14 -42.25
N PRO D 171 21.20 -7.88 -43.22
CA PRO D 171 20.73 -9.23 -43.51
C PRO D 171 20.90 -10.16 -42.32
N VAL D 172 22.02 -10.00 -41.63
CA VAL D 172 22.33 -10.82 -40.46
C VAL D 172 21.27 -10.77 -39.37
N CYS D 173 20.85 -9.57 -38.98
CA CYS D 173 19.85 -9.48 -37.93
C CYS D 173 18.41 -9.68 -38.41
N LYS D 174 18.20 -9.58 -39.71
CA LYS D 174 16.85 -9.82 -40.22
C LYS D 174 16.59 -11.30 -39.96
N ALA D 175 17.66 -12.08 -40.02
CA ALA D 175 17.59 -13.52 -39.80
C ALA D 175 17.75 -13.93 -38.34
N SER D 176 18.04 -12.97 -37.47
CA SER D 176 18.21 -13.31 -36.05
C SER D 176 16.91 -13.17 -35.27
N THR D 177 15.85 -12.70 -35.92
CA THR D 177 14.57 -12.52 -35.25
C THR D 177 13.38 -12.69 -36.16
N ARG D 178 12.21 -12.80 -35.55
CA ARG D 178 10.96 -12.93 -36.28
C ARG D 178 10.42 -11.52 -36.49
N ILE D 179 10.88 -10.58 -35.67
CA ILE D 179 10.46 -9.19 -35.74
C ILE D 179 10.92 -8.54 -37.05
N ARG D 180 9.99 -7.92 -37.76
CA ARG D 180 10.32 -7.27 -39.03
C ARG D 180 11.06 -5.95 -38.84
N ILE D 181 12.32 -5.92 -39.25
CA ILE D 181 13.10 -4.70 -39.10
C ILE D 181 13.07 -3.86 -40.38
N THR D 182 12.36 -2.75 -40.30
CA THR D 182 12.19 -1.82 -41.42
C THR D 182 13.46 -1.03 -41.72
N ASP D 183 13.37 -0.15 -42.72
CA ASP D 183 14.51 0.68 -43.12
C ASP D 183 14.61 1.90 -42.21
N ASN D 184 13.70 2.00 -41.27
CA ASN D 184 13.69 3.11 -40.33
C ASN D 184 14.35 2.69 -39.02
N MET D 185 15.08 1.58 -39.06
CA MET D 185 15.78 1.06 -37.89
C MET D 185 16.99 0.25 -38.32
N PHE D 186 17.96 0.10 -37.43
CA PHE D 186 19.17 -0.66 -37.69
C PHE D 186 19.59 -1.44 -36.45
N CYS D 187 20.45 -2.43 -36.61
CA CYS D 187 20.87 -3.25 -35.48
C CYS D 187 22.30 -2.98 -35.01
N ALA D 188 22.59 -3.46 -33.80
CA ALA D 188 23.91 -3.31 -33.18
C ALA D 188 24.08 -4.40 -32.12
N GLY D 189 25.33 -4.64 -31.72
CA GLY D 189 25.61 -5.67 -30.73
C GLY D 189 26.73 -6.58 -31.19
N PHE D 190 27.38 -7.26 -30.25
CA PHE D 190 28.47 -8.16 -30.60
C PHE D 190 27.89 -9.49 -31.06
N LYS D 191 28.71 -10.31 -31.71
CA LYS D 191 28.27 -11.61 -32.20
C LYS D 191 28.13 -12.59 -31.04
N VAL D 192 27.18 -13.52 -31.15
CA VAL D 192 26.90 -14.52 -30.11
C VAL D 192 28.09 -15.14 -29.37
N ASN D 193 29.30 -14.93 -29.90
CA ASN D 193 30.51 -15.44 -29.26
C ASN D 193 30.94 -14.42 -28.20
N ASP D 194 32.04 -13.73 -28.47
CA ASP D 194 32.63 -12.69 -27.61
C ASP D 194 32.24 -12.73 -26.13
N THR D 195 32.20 -13.94 -25.58
CA THR D 195 31.84 -14.19 -24.16
C THR D 195 30.70 -13.31 -23.62
N LYS D 196 31.05 -12.20 -22.96
CA LYS D 196 30.06 -11.29 -22.40
C LYS D 196 29.86 -10.07 -23.31
N ARG D 197 28.79 -10.11 -24.09
CA ARG D 197 28.48 -9.04 -25.04
C ARG D 197 27.69 -7.90 -24.42
N GLY D 198 28.24 -6.69 -24.51
CA GLY D 198 27.57 -5.53 -23.98
C GLY D 198 26.32 -5.20 -24.79
N ASP D 199 25.40 -4.47 -24.18
CA ASP D 199 24.16 -4.09 -24.87
C ASP D 199 23.26 -3.24 -23.98
N ALA D 200 22.18 -2.72 -24.56
CA ALA D 200 21.25 -1.87 -23.83
C ALA D 200 20.07 -2.66 -23.27
N CYS D 201 19.48 -2.13 -22.20
CA CYS D 201 18.33 -2.75 -21.54
C CYS D 201 17.12 -1.81 -21.60
N GLU D 202 15.94 -2.33 -21.28
CA GLU D 202 14.71 -1.54 -21.34
C GLU D 202 14.82 -0.15 -20.71
N GLY D 203 15.52 -0.06 -19.58
CA GLY D 203 15.68 1.23 -18.93
C GLY D 203 16.51 2.20 -19.74
N ASP D 204 17.17 1.68 -20.75
CA ASP D 204 18.02 2.51 -21.61
C ASP D 204 17.26 2.92 -22.87
N SER D 205 16.08 2.36 -23.08
CA SER D 205 15.27 2.72 -24.23
C SER D 205 15.12 4.23 -24.29
N GLY D 206 15.06 4.76 -25.51
CA GLY D 206 14.91 6.19 -25.66
C GLY D 206 16.24 6.91 -25.63
N GLY D 207 17.27 6.23 -25.18
CA GLY D 207 18.60 6.82 -25.12
C GLY D 207 19.26 6.91 -26.49
N PRO D 208 20.32 7.72 -26.61
CA PRO D 208 20.99 7.86 -27.89
C PRO D 208 22.06 6.82 -28.21
N PHE D 209 22.28 6.60 -29.50
CA PHE D 209 23.30 5.71 -30.01
C PHE D 209 24.12 6.70 -30.83
N VAL D 210 25.25 7.13 -30.26
CA VAL D 210 26.08 8.12 -30.90
C VAL D 210 27.36 7.58 -31.52
N MET D 211 27.97 8.39 -32.37
CA MET D 211 29.23 8.04 -33.05
C MET D 211 30.07 9.30 -33.19
N LYS D 212 31.39 9.17 -33.06
CA LYS D 212 32.24 10.34 -33.21
C LYS D 212 32.77 10.39 -34.64
N SER D 213 32.60 11.55 -35.27
CA SER D 213 33.04 11.75 -36.64
C SER D 213 34.53 12.10 -36.76
N PRO D 214 35.28 11.28 -37.52
CA PRO D 214 36.71 11.49 -37.72
C PRO D 214 36.97 12.71 -38.61
N PHE D 215 35.92 13.22 -39.24
CA PHE D 215 36.03 14.37 -40.14
C PHE D 215 35.89 15.74 -39.49
N ASN D 216 34.96 15.89 -38.54
CA ASN D 216 34.78 17.18 -37.86
C ASN D 216 34.91 17.11 -36.34
N ASN D 217 35.22 15.92 -35.82
CA ASN D 217 35.42 15.75 -34.38
C ASN D 217 34.18 15.96 -33.52
N ARG D 218 33.00 15.74 -34.11
CA ARG D 218 31.75 15.93 -33.40
C ARG D 218 30.96 14.64 -33.24
N TRP D 219 30.17 14.54 -32.16
CA TRP D 219 29.37 13.34 -31.94
C TRP D 219 27.99 13.52 -32.55
N TYR D 220 27.51 12.48 -33.21
CA TYR D 220 26.23 12.47 -33.88
C TYR D 220 25.35 11.35 -33.37
N GLN D 221 24.07 11.65 -33.13
CA GLN D 221 23.19 10.61 -32.69
C GLN D 221 22.64 9.95 -33.95
N MET D 222 23.07 8.72 -34.19
CA MET D 222 22.61 7.98 -35.37
C MET D 222 21.35 7.21 -35.04
N GLY D 223 21.21 6.79 -33.79
CA GLY D 223 20.04 6.05 -33.41
C GLY D 223 19.46 6.36 -32.04
N ILE D 224 18.34 5.69 -31.75
CA ILE D 224 17.64 5.85 -30.49
C ILE D 224 17.39 4.42 -30.05
N VAL D 225 17.75 4.08 -28.81
CA VAL D 225 17.53 2.72 -28.33
C VAL D 225 16.04 2.41 -28.42
N SER D 226 15.67 1.46 -29.26
CA SER D 226 14.28 1.11 -29.40
C SER D 226 13.92 -0.17 -28.67
N ALA D 227 14.81 -1.16 -28.78
CA ALA D 227 14.61 -2.44 -28.11
C ALA D 227 15.95 -3.12 -27.91
N GLY D 228 16.47 -3.05 -26.69
CA GLY D 228 17.74 -3.68 -26.39
C GLY D 228 17.58 -5.18 -26.21
N ALA D 229 18.62 -5.93 -26.56
CA ALA D 229 18.61 -7.39 -26.45
C ALA D 229 19.09 -7.93 -25.09
N GLY D 230 19.75 -7.09 -24.30
CA GLY D 230 20.22 -7.55 -23.00
C GLY D 230 19.09 -7.51 -21.98
N CYS D 231 19.29 -8.16 -20.84
CA CYS D 231 18.31 -8.17 -19.75
C CYS D 231 17.07 -9.05 -19.92
N ASP D 232 16.98 -9.79 -21.03
CA ASP D 232 15.84 -10.69 -21.23
C ASP D 232 16.04 -11.60 -22.43
N ARG D 233 15.85 -12.89 -22.17
CA ARG D 233 16.02 -13.92 -23.19
C ARG D 233 17.49 -13.99 -23.62
N LYS D 234 18.13 -12.83 -23.61
CA LYS D 234 19.52 -12.64 -24.00
C LYS D 234 19.56 -12.23 -25.48
N GLY D 235 18.36 -11.85 -25.95
CA GLY D 235 18.09 -11.37 -27.30
C GLY D 235 18.78 -11.79 -28.58
N LYS D 236 19.97 -11.23 -28.81
CA LYS D 236 20.83 -11.46 -29.98
C LYS D 236 21.35 -10.09 -30.38
N TYR D 237 20.50 -9.31 -31.03
CA TYR D 237 20.86 -7.96 -31.47
C TYR D 237 19.86 -6.91 -31.02
N GLY D 238 20.36 -5.71 -30.72
CA GLY D 238 19.49 -4.64 -30.28
C GLY D 238 19.00 -3.79 -31.44
N PHE D 239 17.76 -3.35 -31.38
CA PHE D 239 17.15 -2.54 -32.43
C PHE D 239 17.21 -1.03 -32.10
N TYR D 240 17.53 -0.23 -33.11
CA TYR D 240 17.63 1.22 -32.93
C TYR D 240 16.85 1.94 -34.02
N THR D 241 16.25 3.08 -33.66
CA THR D 241 15.51 3.88 -34.64
C THR D 241 16.54 4.63 -35.48
N HIS D 242 16.40 4.56 -36.80
CA HIS D 242 17.33 5.23 -37.72
C HIS D 242 17.02 6.72 -37.65
N VAL D 243 17.82 7.46 -36.89
CA VAL D 243 17.53 8.88 -36.71
C VAL D 243 17.46 9.66 -38.02
N PHE D 244 18.46 9.49 -38.89
CA PHE D 244 18.47 10.23 -40.14
C PHE D 244 17.21 10.01 -40.97
N ARG D 245 16.77 8.75 -41.01
CA ARG D 245 15.60 8.37 -41.77
C ARG D 245 14.31 9.03 -41.29
N LEU D 246 14.39 9.75 -40.17
CA LEU D 246 13.21 10.43 -39.63
C LEU D 246 13.53 11.90 -39.40
N LYS D 247 14.57 12.39 -40.07
CA LYS D 247 14.97 13.77 -39.91
C LYS D 247 13.96 14.76 -40.51
N ARG D 248 13.19 14.32 -41.51
CA ARG D 248 12.19 15.21 -42.13
C ARG D 248 11.03 15.42 -41.17
N TRP D 249 10.60 14.36 -40.50
CA TRP D 249 9.52 14.47 -39.52
C TRP D 249 10.04 15.37 -38.39
N ILE D 250 11.26 15.12 -37.94
CA ILE D 250 11.86 15.93 -36.87
C ILE D 250 11.82 17.40 -37.25
N GLN D 251 12.14 17.69 -38.51
CA GLN D 251 12.15 19.08 -39.01
C GLN D 251 10.74 19.64 -39.10
N LYS D 252 9.82 18.84 -39.62
CA LYS D 252 8.44 19.26 -39.77
C LYS D 252 7.88 19.65 -38.39
N VAL D 253 8.02 18.77 -37.41
CA VAL D 253 7.55 19.03 -36.06
C VAL D 253 8.22 20.24 -35.43
N ILE D 254 9.54 20.34 -35.56
CA ILE D 254 10.21 21.49 -34.97
C ILE D 254 9.86 22.80 -35.66
N ASP D 255 9.81 22.80 -36.98
CA ASP D 255 9.47 24.03 -37.70
C ASP D 255 8.12 24.58 -37.30
N GLN D 256 7.15 23.68 -37.13
CA GLN D 256 5.80 24.08 -36.74
C GLN D 256 5.56 24.11 -35.23
N PHE D 257 6.37 23.37 -34.49
CA PHE D 257 6.26 23.17 -33.04
C PHE D 257 5.01 22.31 -32.98
N GLY D 258 4.98 21.33 -33.87
CA GLY D 258 3.88 20.39 -33.98
C GLY D 258 2.51 21.03 -34.02
N PHE E 1 -33.70 -39.21 13.29
CA PHE E 1 -32.41 -38.52 13.55
C PHE E 1 -31.66 -39.18 14.71
N HIS E 2 -30.35 -39.40 14.51
CA HIS E 2 -29.50 -40.03 15.50
C HIS E 2 -28.98 -39.04 16.56
N THR E 3 -29.34 -39.29 17.81
CA THR E 3 -28.89 -38.43 18.91
C THR E 3 -27.47 -38.81 19.32
N PHE E 4 -26.62 -37.79 19.47
CA PHE E 4 -25.23 -37.99 19.84
C PHE E 4 -24.96 -37.61 21.29
N PHE E 5 -25.76 -36.69 21.82
CA PHE E 5 -25.57 -36.26 23.18
C PHE E 5 -26.57 -36.86 24.15
N ASN E 6 -26.22 -36.82 25.43
CA ASN E 6 -27.05 -37.35 26.50
C ASN E 6 -27.88 -36.22 27.09
N GLU E 7 -29.18 -36.25 26.84
CA GLU E 7 -30.13 -35.24 27.32
C GLU E 7 -29.96 -34.78 28.77
N LYS E 8 -29.35 -35.59 29.62
CA LYS E 8 -29.16 -35.21 31.02
C LYS E 8 -28.21 -34.04 31.17
N THR E 9 -27.36 -33.85 30.16
CA THR E 9 -26.39 -32.75 30.20
C THR E 9 -26.60 -31.76 29.06
N PHE E 10 -26.93 -32.28 27.88
CA PHE E 10 -27.14 -31.47 26.70
C PHE E 10 -28.42 -30.64 26.76
N GLY E 11 -29.46 -31.19 27.38
CA GLY E 11 -30.72 -30.48 27.48
C GLY E 11 -31.68 -30.94 26.39
N LEU E 12 -32.84 -30.30 26.34
CA LEU E 12 -33.84 -30.63 25.32
C LEU E 12 -33.44 -30.08 23.96
N GLY E 13 -34.14 -30.53 22.91
CA GLY E 13 -33.85 -30.04 21.57
C GLY E 13 -33.11 -30.99 20.66
N GLU E 14 -32.32 -31.89 21.24
CA GLU E 14 -31.54 -32.85 20.45
C GLU E 14 -32.28 -33.46 19.24
N ALA E 15 -33.33 -34.23 19.54
CA ALA E 15 -34.11 -34.92 18.52
C ALA E 15 -34.77 -34.12 17.41
N ASP E 16 -35.31 -32.95 17.72
CA ASP E 16 -35.99 -32.16 16.70
C ASP E 16 -35.14 -31.05 16.06
N CYS E 17 -33.85 -31.00 16.39
CA CYS E 17 -32.95 -29.98 15.85
C CYS E 17 -33.06 -29.85 14.33
N GLY E 18 -32.60 -28.72 13.81
CA GLY E 18 -32.60 -28.50 12.39
C GLY E 18 -33.90 -28.34 11.62
N LEU E 19 -35.04 -28.59 12.26
CA LEU E 19 -36.31 -28.44 11.55
C LEU E 19 -36.98 -27.13 11.96
N ARG E 20 -37.17 -26.22 11.00
CA ARG E 20 -37.76 -24.91 11.28
C ARG E 20 -39.29 -24.84 11.34
N PRO E 21 -39.83 -24.42 12.49
CA PRO E 21 -41.27 -24.28 12.77
C PRO E 21 -42.08 -23.55 11.69
N LEU E 22 -41.48 -22.55 11.06
CA LEU E 22 -42.19 -21.79 10.04
C LEU E 22 -41.88 -22.24 8.62
N PHE E 23 -41.10 -23.31 8.48
CA PHE E 23 -40.75 -23.77 7.13
C PHE E 23 -40.91 -25.27 6.94
N GLU E 24 -39.90 -26.04 7.37
CA GLU E 24 -39.97 -27.48 7.21
C GLU E 24 -41.23 -28.08 7.85
N LYS E 25 -41.53 -27.67 9.08
CA LYS E 25 -42.71 -28.16 9.77
C LYS E 25 -43.99 -27.80 9.01
N LYS E 26 -43.92 -26.77 8.17
CA LYS E 26 -45.08 -26.33 7.41
C LYS E 26 -45.00 -26.66 5.93
N SER E 27 -43.98 -27.43 5.54
CA SER E 27 -43.80 -27.78 4.14
C SER E 27 -43.72 -26.55 3.25
N LEU E 28 -43.15 -25.49 3.81
CA LEU E 28 -42.93 -24.23 3.10
C LEU E 28 -41.42 -24.09 3.00
N LYS E 29 -40.95 -23.43 1.96
CA LYS E 29 -39.51 -23.26 1.81
C LYS E 29 -39.13 -21.78 1.70
N ASP E 30 -38.00 -21.39 2.30
CA ASP E 30 -37.61 -19.99 2.26
C ASP E 30 -37.17 -19.55 0.86
N THR E 31 -37.11 -18.25 0.67
CA THR E 31 -36.77 -17.64 -0.61
C THR E 31 -35.48 -18.07 -1.31
N THR E 32 -34.47 -18.49 -0.55
CA THR E 32 -33.20 -18.87 -1.19
C THR E 32 -32.69 -20.29 -0.93
N GLU E 33 -33.51 -21.13 -0.30
CA GLU E 33 -33.16 -22.52 -0.03
C GLU E 33 -32.63 -23.21 -1.29
N LYS E 34 -33.35 -22.98 -2.40
CA LYS E 34 -33.02 -23.58 -3.68
C LYS E 34 -31.56 -23.38 -4.08
N GLU E 35 -31.09 -22.14 -3.98
CA GLU E 35 -29.71 -21.82 -4.35
C GLU E 35 -28.73 -22.79 -3.68
N LEU E 36 -29.06 -23.21 -2.46
CA LEU E 36 -28.23 -24.14 -1.70
C LEU E 36 -28.32 -25.58 -2.22
N LEU E 37 -29.54 -26.13 -2.29
CA LEU E 37 -29.72 -27.49 -2.78
C LEU E 37 -29.21 -27.60 -4.21
N ASP E 38 -29.46 -26.57 -5.02
CA ASP E 38 -29.02 -26.54 -6.40
C ASP E 38 -27.49 -26.62 -6.54
N SER E 39 -26.77 -26.38 -5.44
CA SER E 39 -25.30 -26.42 -5.50
C SER E 39 -24.76 -27.79 -5.13
N TYR E 40 -25.64 -28.70 -4.77
CA TYR E 40 -25.23 -30.04 -4.41
C TYR E 40 -25.13 -30.92 -5.65
N ILE E 41 -24.56 -30.34 -6.71
CA ILE E 41 -24.36 -31.04 -7.98
C ILE E 41 -23.67 -32.36 -7.69
N ASP E 42 -22.55 -32.25 -6.97
CA ASP E 42 -21.73 -33.38 -6.55
C ASP E 42 -20.26 -32.95 -6.50
N ILE F 1 -22.71 -8.67 7.44
CA ILE F 1 -22.91 -9.44 6.18
C ILE F 1 -23.01 -8.51 4.98
N VAL F 2 -22.15 -8.76 4.00
CA VAL F 2 -22.09 -7.96 2.79
C VAL F 2 -22.78 -8.66 1.63
N GLU F 3 -23.47 -7.87 0.80
CA GLU F 3 -24.19 -8.40 -0.35
C GLU F 3 -25.19 -9.46 0.06
N GLY F 4 -25.68 -9.33 1.29
CA GLY F 4 -26.67 -10.27 1.80
C GLY F 4 -28.04 -9.68 1.58
N TRP F 5 -29.01 -10.12 2.38
CA TRP F 5 -30.36 -9.60 2.23
C TRP F 5 -31.18 -9.88 3.49
N ASP F 6 -32.31 -9.18 3.60
CA ASP F 6 -33.19 -9.30 4.75
C ASP F 6 -33.70 -10.72 4.98
N ALA F 7 -33.49 -11.20 6.19
CA ALA F 7 -33.93 -12.53 6.57
C ALA F 7 -35.45 -12.53 6.75
N GLU F 8 -36.10 -13.61 6.35
CA GLU F 8 -37.54 -13.74 6.53
C GLU F 8 -37.64 -14.13 8.00
N LYS F 9 -38.74 -13.80 8.66
CA LYS F 9 -38.88 -14.17 10.07
C LYS F 9 -38.80 -15.69 10.28
N GLY F 10 -38.07 -16.10 11.30
CA GLY F 10 -37.93 -17.52 11.59
C GLY F 10 -37.06 -18.33 10.63
N ILE F 11 -36.38 -17.66 9.70
CA ILE F 11 -35.54 -18.38 8.73
C ILE F 11 -34.31 -19.05 9.35
N ALA F 12 -33.82 -18.48 10.45
CA ALA F 12 -32.66 -19.04 11.14
C ALA F 12 -32.94 -18.96 12.65
N PRO F 13 -33.96 -19.68 13.11
CA PRO F 13 -34.39 -19.74 14.52
C PRO F 13 -33.32 -20.08 15.53
N TRP F 14 -32.16 -20.50 15.04
CA TRP F 14 -31.04 -20.86 15.92
C TRP F 14 -30.06 -19.69 16.07
N GLN F 15 -30.31 -18.61 15.35
CA GLN F 15 -29.44 -17.43 15.41
C GLN F 15 -29.46 -16.79 16.79
N VAL F 16 -28.28 -16.60 17.36
CA VAL F 16 -28.18 -15.97 18.67
C VAL F 16 -27.36 -14.70 18.56
N MET F 17 -27.72 -13.70 19.38
CA MET F 17 -27.02 -12.42 19.41
C MET F 17 -26.26 -12.31 20.72
N LEU F 18 -24.94 -12.31 20.65
CA LEU F 18 -24.14 -12.16 21.87
C LEU F 18 -24.14 -10.63 22.10
N PHE F 19 -24.69 -10.22 23.24
CA PHE F 19 -24.87 -8.80 23.57
C PHE F 19 -24.11 -8.37 24.83
N ARG F 20 -23.36 -7.28 24.73
CA ARG F 20 -22.58 -6.76 25.87
C ARG F 20 -23.51 -6.03 26.83
N LYS F 21 -23.33 -6.27 28.13
CA LYS F 21 -24.17 -5.63 29.14
C LYS F 21 -23.92 -4.13 29.26
N SER F 22 -22.66 -3.74 29.42
CA SER F 22 -22.32 -2.33 29.53
C SER F 22 -20.90 -2.03 29.07
N PRO F 23 -20.77 -1.20 28.03
CA PRO F 23 -21.89 -0.56 27.32
C PRO F 23 -22.73 -1.56 26.52
N GLN F 24 -24.03 -1.29 26.41
CA GLN F 24 -24.92 -2.17 25.65
C GLN F 24 -24.49 -2.11 24.19
N GLU F 25 -24.29 -3.25 23.57
CA GLU F 25 -23.89 -3.30 22.16
C GLU F 25 -23.73 -4.71 21.61
N LEU F 26 -24.17 -4.90 20.37
CA LEU F 26 -24.04 -6.18 19.70
C LEU F 26 -22.56 -6.52 19.73
N LEU F 27 -22.21 -7.69 20.26
CA LEU F 27 -20.82 -8.09 20.34
C LEU F 27 -20.46 -9.06 19.22
N CYS F 28 -21.24 -10.13 19.11
CA CYS F 28 -21.00 -11.17 18.12
C CYS F 28 -22.26 -11.94 17.82
N GLY F 29 -22.11 -12.97 17.00
CA GLY F 29 -23.21 -13.83 16.66
C GLY F 29 -22.92 -15.12 17.40
N ALA F 30 -23.85 -16.05 17.38
CA ALA F 30 -23.67 -17.32 18.07
C ALA F 30 -24.83 -18.20 17.66
N SER F 31 -24.83 -19.46 18.07
CA SER F 31 -25.93 -20.33 17.69
C SER F 31 -26.45 -21.19 18.83
N LEU F 32 -27.73 -21.53 18.73
CA LEU F 32 -28.39 -22.35 19.72
C LEU F 32 -28.31 -23.81 19.27
N ILE F 33 -27.68 -24.67 20.07
CA ILE F 33 -27.61 -26.08 19.69
C ILE F 33 -28.56 -26.93 20.55
N SER F 34 -29.12 -26.31 21.59
CA SER F 34 -30.06 -26.96 22.49
C SER F 34 -30.79 -25.86 23.27
N ASP F 35 -31.50 -26.20 24.33
CA ASP F 35 -32.21 -25.20 25.11
C ASP F 35 -31.33 -24.69 26.27
N ARG F 36 -30.13 -25.25 26.37
CA ARG F 36 -29.19 -24.87 27.41
C ARG F 36 -27.81 -24.50 26.85
N TRP F 37 -27.51 -24.90 25.62
CA TRP F 37 -26.20 -24.61 25.03
C TRP F 37 -26.15 -23.74 23.78
N VAL F 38 -25.18 -22.83 23.77
CA VAL F 38 -24.97 -21.90 22.67
C VAL F 38 -23.53 -22.03 22.18
N LEU F 39 -23.36 -21.97 20.87
CA LEU F 39 -22.04 -22.09 20.26
C LEU F 39 -21.60 -20.77 19.63
N THR F 40 -20.39 -20.31 19.94
CA THR F 40 -19.86 -19.06 19.38
C THR F 40 -18.36 -19.17 19.10
N ALA F 41 -17.73 -18.04 18.81
CA ALA F 41 -16.30 -18.01 18.52
C ALA F 41 -15.50 -17.62 19.75
N ALA F 42 -14.33 -18.22 19.89
CA ALA F 42 -13.48 -17.93 21.04
C ALA F 42 -12.98 -16.48 21.03
N HIS F 43 -12.49 -16.01 19.89
CA HIS F 43 -11.96 -14.66 19.82
C HIS F 43 -13.04 -13.63 20.13
N CYS F 44 -14.29 -14.05 20.11
CA CYS F 44 -15.38 -13.14 20.43
C CYS F 44 -15.42 -12.92 21.94
N ILE F 45 -14.97 -13.92 22.68
CA ILE F 45 -14.94 -13.88 24.13
C ILE F 45 -13.59 -13.42 24.64
N LEU F 46 -12.53 -13.97 24.09
CA LEU F 46 -11.18 -13.65 24.52
C LEU F 46 -10.22 -13.28 23.39
N TYR F 47 -9.71 -12.06 23.46
CA TYR F 47 -8.74 -11.57 22.48
C TYR F 47 -8.20 -10.22 22.96
N PRO F 48 -7.14 -10.26 23.80
CA PRO F 48 -6.46 -9.09 24.37
C PRO F 48 -6.19 -7.93 23.41
N PRO F 49 -5.54 -8.22 22.26
CA PRO F 49 -5.22 -7.19 21.27
C PRO F 49 -6.37 -6.26 20.97
N TRP F 50 -7.60 -6.76 21.03
CA TRP F 50 -8.75 -5.91 20.78
C TRP F 50 -9.45 -5.63 22.11
N ASP F 51 -8.71 -5.82 23.20
CA ASP F 51 -9.22 -5.60 24.56
C ASP F 51 -10.50 -6.36 24.83
N LYS F 52 -10.43 -7.67 24.61
CA LYS F 52 -11.59 -8.53 24.83
C LYS F 52 -11.27 -9.69 25.74
N ASN F 53 -11.82 -9.65 26.95
CA ASN F 53 -11.64 -10.72 27.92
C ASN F 53 -12.89 -10.68 28.80
N PHE F 54 -13.99 -11.17 28.24
CA PHE F 54 -15.27 -11.20 28.94
C PHE F 54 -15.43 -12.41 29.85
N THR F 55 -16.49 -12.39 30.65
CA THR F 55 -16.81 -13.48 31.55
C THR F 55 -18.33 -13.59 31.57
N GLU F 56 -18.83 -14.56 32.33
CA GLU F 56 -20.25 -14.82 32.44
C GLU F 56 -21.12 -13.58 32.68
N ASN F 57 -20.70 -12.72 33.59
CA ASN F 57 -21.49 -11.55 33.93
C ASN F 57 -21.40 -10.37 32.98
N ASP F 58 -20.34 -10.33 32.18
CA ASP F 58 -20.15 -9.23 31.24
C ASP F 58 -21.16 -9.18 30.09
N LEU F 59 -21.70 -10.32 29.70
CA LEU F 59 -22.66 -10.35 28.59
C LEU F 59 -23.87 -11.29 28.74
N LEU F 60 -24.78 -11.17 27.79
CA LEU F 60 -26.00 -11.98 27.78
C LEU F 60 -26.39 -12.39 26.35
N VAL F 61 -27.28 -13.37 26.22
CA VAL F 61 -27.68 -13.80 24.89
C VAL F 61 -29.13 -13.47 24.55
N ARG F 62 -29.34 -12.95 23.35
CA ARG F 62 -30.67 -12.59 22.89
C ARG F 62 -31.10 -13.58 21.80
N ILE F 63 -32.18 -14.30 22.07
CA ILE F 63 -32.65 -15.32 21.13
C ILE F 63 -34.01 -15.02 20.50
N GLY F 64 -34.16 -15.39 19.23
CA GLY F 64 -35.40 -15.16 18.52
C GLY F 64 -35.52 -13.80 17.87
N LYS F 65 -34.42 -13.05 17.87
CA LYS F 65 -34.43 -11.71 17.31
C LYS F 65 -34.42 -11.64 15.79
N HIS F 66 -34.89 -10.51 15.29
CA HIS F 66 -34.95 -10.21 13.86
C HIS F 66 -34.36 -8.81 13.74
N SER F 67 -35.08 -7.82 14.25
CA SER F 67 -34.62 -6.43 14.26
C SER F 67 -33.31 -6.35 15.06
N ARG F 68 -32.37 -5.54 14.60
CA ARG F 68 -31.08 -5.40 15.26
C ARG F 68 -31.12 -4.72 16.62
N THR F 69 -31.99 -3.72 16.76
CA THR F 69 -32.06 -2.96 17.99
C THR F 69 -33.38 -2.98 18.74
N ARG F 70 -34.49 -3.02 18.00
CA ARG F 70 -35.81 -3.02 18.62
C ARG F 70 -36.07 -4.28 19.42
N TYR F 71 -36.53 -4.11 20.66
CA TYR F 71 -36.84 -5.24 21.52
C TYR F 71 -38.19 -5.77 21.05
N GLU F 72 -38.19 -7.04 20.60
CA GLU F 72 -39.39 -7.67 20.09
C GLU F 72 -40.13 -8.47 21.17
N ARG F 73 -40.84 -7.73 22.01
CA ARG F 73 -41.61 -8.26 23.14
C ARG F 73 -42.18 -9.66 22.95
N ASN F 74 -43.02 -9.79 21.94
CA ASN F 74 -43.69 -11.03 21.65
C ASN F 74 -42.83 -12.23 21.20
N VAL F 75 -41.58 -12.00 20.83
CA VAL F 75 -40.78 -13.11 20.35
C VAL F 75 -39.43 -13.42 20.97
N GLU F 76 -38.63 -12.41 21.29
CA GLU F 76 -37.30 -12.71 21.84
C GLU F 76 -37.25 -13.13 23.30
N LYS F 77 -36.11 -13.69 23.68
CA LYS F 77 -35.86 -14.15 25.04
C LYS F 77 -34.41 -13.86 25.40
N ILE F 78 -34.22 -13.13 26.50
CA ILE F 78 -32.89 -12.81 26.94
C ILE F 78 -32.48 -13.87 27.96
N SER F 79 -31.27 -14.38 27.83
CA SER F 79 -30.76 -15.39 28.75
C SER F 79 -29.41 -14.98 29.30
N MET F 80 -29.22 -15.19 30.60
CA MET F 80 -27.93 -14.88 31.21
C MET F 80 -27.10 -16.12 30.97
N LEU F 81 -25.79 -16.00 31.13
CA LEU F 81 -24.90 -17.13 30.94
C LEU F 81 -24.49 -17.64 32.30
N GLU F 82 -24.36 -18.95 32.43
CA GLU F 82 -23.97 -19.55 33.68
C GLU F 82 -22.46 -19.72 33.66
N LYS F 83 -21.93 -20.02 32.48
CA LYS F 83 -20.50 -20.21 32.33
C LYS F 83 -20.09 -20.15 30.85
N ILE F 84 -18.79 -20.03 30.61
CA ILE F 84 -18.27 -19.94 29.26
C ILE F 84 -17.08 -20.87 29.13
N TYR F 85 -17.10 -21.75 28.13
CA TYR F 85 -15.99 -22.66 27.93
C TYR F 85 -15.37 -22.43 26.57
N VAL F 86 -14.24 -21.74 26.55
CA VAL F 86 -13.54 -21.49 25.30
C VAL F 86 -12.57 -22.65 25.20
N HIS F 87 -12.26 -23.07 23.98
CA HIS F 87 -11.34 -24.18 23.82
C HIS F 87 -10.00 -23.84 24.48
N PRO F 88 -9.44 -24.79 25.23
CA PRO F 88 -8.16 -24.60 25.91
C PRO F 88 -6.95 -24.50 24.98
N ARG F 89 -7.10 -24.92 23.74
CA ARG F 89 -5.99 -24.83 22.80
C ARG F 89 -6.12 -23.67 21.82
N TYR F 90 -7.08 -22.79 22.06
CA TYR F 90 -7.27 -21.62 21.23
C TYR F 90 -6.22 -20.62 21.67
N ASN F 91 -5.15 -20.51 20.90
CA ASN F 91 -4.06 -19.59 21.22
C ASN F 91 -4.24 -18.26 20.51
N TRP F 92 -4.87 -17.29 21.18
CA TRP F 92 -5.09 -15.99 20.57
C TRP F 92 -3.81 -15.34 20.05
N ARG F 93 -2.65 -15.79 20.55
CA ARG F 93 -1.36 -15.24 20.13
C ARG F 93 -0.83 -15.85 18.83
N GLU F 94 -1.49 -16.88 18.34
CA GLU F 94 -1.04 -17.53 17.12
C GLU F 94 -1.93 -17.26 15.92
N ASN F 95 -2.95 -18.10 15.74
CA ASN F 95 -3.87 -17.97 14.62
C ASN F 95 -5.30 -18.29 15.07
N LEU F 96 -6.21 -18.45 14.11
CA LEU F 96 -7.59 -18.75 14.43
C LEU F 96 -7.92 -20.22 14.73
N ASP F 97 -6.91 -21.09 14.69
CA ASP F 97 -7.13 -22.51 14.95
C ASP F 97 -7.92 -22.76 16.24
N ARG F 98 -8.95 -23.59 16.14
CA ARG F 98 -9.80 -23.94 17.28
C ARG F 98 -10.49 -22.74 17.92
N ASP F 99 -10.94 -21.83 17.06
CA ASP F 99 -11.62 -20.62 17.50
C ASP F 99 -13.06 -21.02 17.79
N ILE F 100 -13.31 -21.44 19.02
CA ILE F 100 -14.62 -21.91 19.40
C ILE F 100 -14.84 -21.82 20.90
N ALA F 101 -16.07 -21.54 21.29
CA ALA F 101 -16.41 -21.45 22.69
C ALA F 101 -17.82 -21.97 22.87
N LEU F 102 -18.08 -22.52 24.06
CA LEU F 102 -19.39 -23.04 24.41
C LEU F 102 -19.94 -22.19 25.55
N LEU F 103 -21.18 -21.74 25.39
CA LEU F 103 -21.82 -20.93 26.42
C LEU F 103 -23.02 -21.67 27.02
N LYS F 104 -22.98 -21.90 28.34
CA LYS F 104 -24.07 -22.58 29.02
C LYS F 104 -25.05 -21.55 29.61
N LEU F 105 -26.32 -21.64 29.23
CA LEU F 105 -27.33 -20.71 29.74
C LEU F 105 -27.71 -21.09 31.18
N LYS F 106 -28.05 -20.09 32.00
CA LYS F 106 -28.44 -20.34 33.39
C LYS F 106 -29.73 -21.14 33.48
N LYS F 107 -30.69 -20.80 32.64
CA LYS F 107 -31.98 -21.46 32.58
C LYS F 107 -32.30 -21.85 31.14
N PRO F 108 -32.98 -22.98 30.95
CA PRO F 108 -33.33 -23.42 29.60
C PRO F 108 -34.21 -22.41 28.85
N VAL F 109 -33.96 -22.25 27.56
CA VAL F 109 -34.74 -21.30 26.78
C VAL F 109 -35.93 -21.99 26.10
N PRO F 110 -37.14 -21.45 26.29
CA PRO F 110 -38.34 -22.03 25.68
C PRO F 110 -38.34 -21.90 24.16
N PHE F 111 -38.58 -23.00 23.47
CA PHE F 111 -38.59 -22.97 22.02
C PHE F 111 -39.89 -22.35 21.52
N SER F 112 -39.92 -21.99 20.24
CA SER F 112 -41.09 -21.38 19.62
C SER F 112 -40.90 -21.39 18.11
N ASP F 113 -41.78 -20.69 17.39
CA ASP F 113 -41.65 -20.61 15.94
C ASP F 113 -40.43 -19.79 15.58
N TYR F 114 -39.84 -19.15 16.59
CA TYR F 114 -38.69 -18.27 16.37
C TYR F 114 -37.43 -18.70 17.09
N ILE F 115 -37.55 -19.69 17.95
CA ILE F 115 -36.40 -20.20 18.69
C ILE F 115 -36.38 -21.72 18.57
N HIS F 116 -35.37 -22.25 17.89
CA HIS F 116 -35.23 -23.69 17.66
C HIS F 116 -33.77 -23.99 17.38
N PRO F 117 -33.18 -24.97 18.11
CA PRO F 117 -31.77 -25.35 17.93
C PRO F 117 -31.41 -25.91 16.56
N VAL F 118 -30.13 -25.82 16.22
CA VAL F 118 -29.63 -26.30 14.94
C VAL F 118 -28.95 -27.65 15.19
N CYS F 119 -28.65 -28.41 14.14
CA CYS F 119 -28.00 -29.70 14.37
C CYS F 119 -26.50 -29.64 14.15
N LEU F 120 -25.78 -30.42 14.95
CA LEU F 120 -24.33 -30.53 14.80
C LEU F 120 -24.12 -31.67 13.79
N PRO F 121 -23.10 -31.55 12.94
CA PRO F 121 -22.82 -32.58 11.93
C PRO F 121 -22.09 -33.83 12.42
N ASP F 122 -22.20 -34.90 11.63
CA ASP F 122 -21.54 -36.17 11.93
C ASP F 122 -20.64 -36.47 10.72
N LYS F 123 -19.75 -37.44 10.85
CA LYS F 123 -18.82 -37.77 9.78
C LYS F 123 -19.50 -37.85 8.43
N GLN F 124 -20.66 -38.48 8.39
CA GLN F 124 -21.39 -38.62 7.14
C GLN F 124 -21.71 -37.24 6.56
N THR F 125 -22.47 -36.45 7.31
CA THR F 125 -22.86 -35.10 6.90
C THR F 125 -21.69 -34.33 6.31
N VAL F 126 -20.54 -34.42 6.96
CA VAL F 126 -19.35 -33.74 6.47
C VAL F 126 -18.93 -34.26 5.11
N THR F 127 -18.77 -35.58 4.99
CA THR F 127 -18.35 -36.14 3.72
C THR F 127 -19.30 -35.83 2.57
N SER F 128 -20.60 -35.82 2.85
CA SER F 128 -21.56 -35.55 1.79
C SER F 128 -21.88 -34.08 1.51
N LEU F 129 -21.56 -33.19 2.45
CA LEU F 129 -21.88 -31.78 2.26
C LEU F 129 -20.71 -30.78 2.29
N LEU F 130 -19.71 -31.02 3.12
CA LEU F 130 -18.60 -30.09 3.22
C LEU F 130 -17.61 -30.28 2.08
N ARG F 131 -17.98 -29.79 0.90
CA ARG F 131 -17.11 -29.92 -0.26
C ARG F 131 -17.19 -28.70 -1.17
N ALA F 132 -16.05 -28.32 -1.72
CA ALA F 132 -15.92 -27.17 -2.58
C ALA F 132 -17.06 -26.97 -3.57
N GLY F 133 -17.49 -25.72 -3.72
CA GLY F 133 -18.56 -25.39 -4.63
C GLY F 133 -19.92 -25.45 -3.97
N TYR F 134 -20.07 -26.34 -2.99
CA TYR F 134 -21.32 -26.48 -2.25
C TYR F 134 -21.55 -25.21 -1.45
N LYS F 135 -22.79 -24.70 -1.48
CA LYS F 135 -23.12 -23.47 -0.77
C LYS F 135 -23.70 -23.66 0.63
N GLY F 136 -23.28 -22.78 1.52
CA GLY F 136 -23.76 -22.80 2.89
C GLY F 136 -24.41 -21.44 3.15
N ARG F 137 -24.98 -21.27 4.33
CA ARG F 137 -25.63 -20.02 4.65
C ARG F 137 -25.09 -19.42 5.94
N VAL F 138 -24.89 -18.10 5.91
CA VAL F 138 -24.40 -17.36 7.06
C VAL F 138 -25.37 -16.22 7.34
N THR F 139 -25.63 -16.00 8.62
CA THR F 139 -26.54 -14.95 9.03
C THR F 139 -25.91 -14.10 10.11
N GLY F 140 -26.33 -12.85 10.23
CA GLY F 140 -25.76 -12.00 11.26
C GLY F 140 -26.23 -10.57 11.21
N TRP F 141 -25.71 -9.76 12.13
CA TRP F 141 -26.07 -8.35 12.24
C TRP F 141 -24.86 -7.44 12.03
N GLY F 142 -23.78 -8.02 11.49
CA GLY F 142 -22.57 -7.26 11.23
C GLY F 142 -22.82 -6.16 10.21
N ASN F 143 -21.86 -5.25 10.04
CA ASN F 143 -22.01 -4.15 9.11
C ASN F 143 -22.25 -4.56 7.66
N LEU F 144 -22.84 -3.67 6.89
CA LEU F 144 -23.17 -3.95 5.50
C LEU F 144 -22.05 -3.59 4.53
N ARG F 145 -21.09 -2.81 4.99
CA ARG F 145 -19.98 -2.42 4.15
C ARG F 145 -18.83 -1.85 4.95
N GLU F 146 -17.75 -1.52 4.24
CA GLU F 146 -16.55 -0.96 4.82
C GLU F 146 -16.87 0.36 5.53
N THR F 147 -16.30 0.55 6.71
CA THR F 147 -16.56 1.76 7.45
C THR F 147 -15.84 2.94 6.83
N TRP F 148 -16.33 4.14 7.12
CA TRP F 148 -15.76 5.39 6.59
C TRP F 148 -16.31 5.73 5.20
N THR F 149 -16.94 4.77 4.55
CA THR F 149 -17.49 4.99 3.21
C THR F 149 -18.78 5.81 3.26
N THR F 150 -19.42 5.81 4.43
CA THR F 150 -20.65 6.55 4.63
C THR F 150 -20.95 6.59 6.13
N ASN F 151 -22.00 7.30 6.49
CA ASN F 151 -22.40 7.44 7.89
C ASN F 151 -22.66 6.08 8.54
N ILE F 152 -22.12 5.92 9.75
CA ILE F 152 -22.23 4.69 10.53
C ILE F 152 -23.64 4.11 10.60
N ASN F 153 -24.63 4.99 10.62
CA ASN F 153 -26.02 4.54 10.72
C ASN F 153 -26.51 3.80 9.50
N GLU F 154 -25.95 4.11 8.34
CA GLU F 154 -26.38 3.46 7.11
C GLU F 154 -25.59 2.20 6.78
N ILE F 155 -24.65 1.82 7.64
CA ILE F 155 -23.88 0.60 7.38
C ILE F 155 -24.20 -0.51 8.37
N GLN F 156 -25.17 -0.24 9.26
CA GLN F 156 -25.62 -1.23 10.22
C GLN F 156 -27.04 -1.57 9.80
N PRO F 157 -27.32 -2.87 9.61
CA PRO F 157 -28.66 -3.27 9.19
C PRO F 157 -29.70 -3.14 10.31
N SER F 158 -30.93 -2.82 9.94
CA SER F 158 -32.00 -2.68 10.92
C SER F 158 -32.51 -4.07 11.25
N VAL F 159 -32.33 -4.99 10.31
CA VAL F 159 -32.79 -6.37 10.48
C VAL F 159 -31.71 -7.40 10.14
N LEU F 160 -31.86 -8.61 10.71
CA LEU F 160 -30.92 -9.70 10.47
C LEU F 160 -30.70 -9.97 8.98
N GLN F 161 -29.43 -10.17 8.63
CA GLN F 161 -29.05 -10.42 7.24
C GLN F 161 -28.69 -11.88 6.98
N VAL F 162 -28.91 -12.30 5.75
CA VAL F 162 -28.60 -13.67 5.34
C VAL F 162 -27.86 -13.65 4.00
N VAL F 163 -26.84 -14.51 3.88
CA VAL F 163 -26.09 -14.61 2.64
C VAL F 163 -25.67 -16.05 2.43
N ASN F 164 -25.63 -16.50 1.18
CA ASN F 164 -25.24 -17.86 0.88
C ASN F 164 -23.85 -17.86 0.24
N LEU F 165 -22.96 -18.69 0.76
CA LEU F 165 -21.60 -18.72 0.26
C LEU F 165 -21.10 -20.12 -0.08
N PRO F 166 -20.45 -20.28 -1.24
CA PRO F 166 -19.90 -21.57 -1.68
C PRO F 166 -18.61 -21.92 -0.91
N ILE F 167 -18.43 -23.19 -0.60
CA ILE F 167 -17.21 -23.61 0.09
C ILE F 167 -16.10 -23.50 -0.93
N VAL F 168 -14.93 -23.02 -0.52
CA VAL F 168 -13.82 -22.83 -1.43
C VAL F 168 -12.78 -23.95 -1.32
N GLU F 169 -12.09 -24.20 -2.44
CA GLU F 169 -11.03 -25.21 -2.50
C GLU F 169 -9.98 -24.92 -1.44
N ARG F 170 -9.69 -25.90 -0.60
CA ARG F 170 -8.71 -25.74 0.47
C ARG F 170 -7.36 -25.26 -0.08
N PRO F 171 -6.92 -25.81 -1.21
CA PRO F 171 -5.63 -25.36 -1.76
C PRO F 171 -5.73 -23.92 -2.27
N VAL F 172 -6.91 -23.52 -2.73
CA VAL F 172 -7.11 -22.18 -3.26
C VAL F 172 -7.07 -21.09 -2.20
N CYS F 173 -7.58 -21.34 -0.99
CA CYS F 173 -7.52 -20.28 -0.01
C CYS F 173 -6.23 -20.27 0.78
N LYS F 174 -5.57 -21.42 0.85
CA LYS F 174 -4.29 -21.46 1.54
C LYS F 174 -3.35 -20.56 0.76
N ALA F 175 -3.58 -20.51 -0.55
CA ALA F 175 -2.77 -19.69 -1.45
C ALA F 175 -3.13 -18.20 -1.41
N SER F 176 -4.36 -17.88 -1.05
CA SER F 176 -4.80 -16.48 -1.03
C SER F 176 -4.42 -15.67 0.20
N THR F 177 -3.85 -16.32 1.21
CA THR F 177 -3.48 -15.61 2.44
C THR F 177 -2.24 -16.17 3.10
N ARG F 178 -1.52 -15.30 3.79
CA ARG F 178 -0.33 -15.70 4.52
C ARG F 178 -0.75 -16.36 5.84
N ILE F 179 -2.04 -16.22 6.19
CA ILE F 179 -2.58 -16.80 7.42
C ILE F 179 -2.67 -18.32 7.26
N ARG F 180 -2.30 -19.06 8.31
CA ARG F 180 -2.34 -20.52 8.21
C ARG F 180 -3.73 -21.11 8.43
N ILE F 181 -4.23 -21.80 7.40
CA ILE F 181 -5.54 -22.43 7.48
C ILE F 181 -5.35 -23.88 7.89
N THR F 182 -5.57 -24.16 9.18
CA THR F 182 -5.41 -25.52 9.70
C THR F 182 -6.54 -26.45 9.25
N ASP F 183 -6.47 -27.70 9.71
CA ASP F 183 -7.46 -28.70 9.36
C ASP F 183 -8.73 -28.48 10.17
N ASN F 184 -8.65 -27.61 11.16
CA ASN F 184 -9.80 -27.34 11.99
C ASN F 184 -10.60 -26.17 11.42
N MET F 185 -10.33 -25.85 10.15
CA MET F 185 -11.06 -24.79 9.49
C MET F 185 -11.26 -25.00 8.00
N PHE F 186 -12.12 -24.19 7.38
CA PHE F 186 -12.39 -24.27 5.97
C PHE F 186 -12.80 -22.88 5.53
N CYS F 187 -12.66 -22.59 4.24
CA CYS F 187 -13.00 -21.27 3.72
C CYS F 187 -14.27 -21.28 2.88
N ALA F 188 -14.89 -20.10 2.79
CA ALA F 188 -16.10 -19.91 2.00
C ALA F 188 -15.99 -18.53 1.38
N GLY F 189 -16.62 -18.34 0.22
CA GLY F 189 -16.59 -17.07 -0.47
C GLY F 189 -16.71 -17.27 -1.97
N PHE F 190 -17.13 -16.24 -2.70
CA PHE F 190 -17.27 -16.32 -4.15
C PHE F 190 -15.93 -16.07 -4.81
N LYS F 191 -15.81 -16.34 -6.11
CA LYS F 191 -14.54 -16.12 -6.78
C LYS F 191 -14.30 -14.65 -7.08
N VAL F 192 -13.03 -14.28 -7.16
CA VAL F 192 -12.61 -12.90 -7.40
C VAL F 192 -13.45 -12.16 -8.45
N ASN F 193 -14.22 -12.91 -9.23
CA ASN F 193 -15.08 -12.31 -10.25
C ASN F 193 -16.43 -12.00 -9.61
N ASP F 194 -17.46 -12.69 -10.08
CA ASP F 194 -18.84 -12.57 -9.59
C ASP F 194 -19.26 -11.17 -9.13
N THR F 195 -18.66 -10.15 -9.75
CA THR F 195 -18.93 -8.74 -9.44
C THR F 195 -19.10 -8.41 -7.96
N LYS F 196 -20.32 -8.46 -7.44
CA LYS F 196 -20.58 -8.15 -6.04
C LYS F 196 -20.61 -9.43 -5.17
N ARG F 197 -19.49 -9.71 -4.50
CA ARG F 197 -19.37 -10.90 -3.66
C ARG F 197 -19.81 -10.74 -2.21
N GLY F 198 -20.68 -11.63 -1.76
CA GLY F 198 -21.14 -11.56 -0.39
C GLY F 198 -20.13 -12.14 0.57
N ASP F 199 -20.23 -11.76 1.83
CA ASP F 199 -19.30 -12.26 2.84
C ASP F 199 -19.79 -11.85 4.23
N ALA F 200 -19.09 -12.32 5.26
CA ALA F 200 -19.43 -11.99 6.63
C ALA F 200 -18.45 -10.93 7.14
N CYS F 201 -18.92 -10.09 8.06
CA CYS F 201 -18.08 -9.03 8.61
C CYS F 201 -17.75 -9.35 10.06
N GLU F 202 -17.01 -8.47 10.72
CA GLU F 202 -16.61 -8.72 12.11
C GLU F 202 -17.77 -8.92 13.09
N GLY F 203 -18.87 -8.20 12.86
CA GLY F 203 -20.01 -8.34 13.74
C GLY F 203 -20.69 -9.69 13.57
N ASP F 204 -20.37 -10.38 12.48
CA ASP F 204 -20.97 -11.67 12.23
C ASP F 204 -20.15 -12.81 12.83
N SER F 205 -18.96 -12.51 13.33
CA SER F 205 -18.12 -13.55 13.93
C SER F 205 -18.91 -14.35 14.96
N GLY F 206 -18.57 -15.61 15.12
CA GLY F 206 -19.26 -16.44 16.08
C GLY F 206 -20.61 -16.94 15.59
N GLY F 207 -21.06 -16.40 14.46
CA GLY F 207 -22.32 -16.80 13.88
C GLY F 207 -22.17 -18.16 13.21
N PRO F 208 -23.29 -18.81 12.84
CA PRO F 208 -23.23 -20.12 12.19
C PRO F 208 -23.16 -20.17 10.68
N PHE F 209 -22.41 -21.14 10.16
CA PHE F 209 -22.35 -21.40 8.73
C PHE F 209 -23.15 -22.70 8.69
N VAL F 210 -24.32 -22.67 8.05
CA VAL F 210 -25.18 -23.84 8.03
C VAL F 210 -25.54 -24.36 6.65
N MET F 211 -25.84 -25.66 6.58
CA MET F 211 -26.20 -26.29 5.33
C MET F 211 -27.41 -27.19 5.53
N LYS F 212 -28.31 -27.21 4.56
CA LYS F 212 -29.49 -28.06 4.69
C LYS F 212 -29.29 -29.41 3.99
N SER F 213 -29.36 -30.47 4.78
CA SER F 213 -29.20 -31.84 4.28
C SER F 213 -30.28 -32.25 3.30
N PRO F 214 -29.89 -32.68 2.08
CA PRO F 214 -30.90 -33.11 1.11
C PRO F 214 -31.40 -34.51 1.46
N PHE F 215 -30.86 -35.09 2.52
CA PHE F 215 -31.23 -36.43 2.95
C PHE F 215 -32.32 -36.46 4.01
N ASN F 216 -32.18 -35.68 5.08
CA ASN F 216 -33.21 -35.68 6.12
C ASN F 216 -33.90 -34.33 6.27
N ASN F 217 -33.57 -33.40 5.38
CA ASN F 217 -34.19 -32.08 5.40
C ASN F 217 -33.82 -31.18 6.60
N ARG F 218 -32.85 -31.61 7.41
CA ARG F 218 -32.44 -30.82 8.57
C ARG F 218 -31.27 -29.88 8.30
N TRP F 219 -31.17 -28.81 9.09
CA TRP F 219 -30.11 -27.82 8.96
C TRP F 219 -28.95 -28.16 9.89
N TYR F 220 -27.76 -28.19 9.31
CA TYR F 220 -26.55 -28.53 10.07
C TYR F 220 -25.58 -27.37 10.11
N GLN F 221 -25.00 -27.12 11.27
CA GLN F 221 -24.03 -26.06 11.40
C GLN F 221 -22.66 -26.65 11.14
N MET F 222 -22.18 -26.45 9.92
CA MET F 222 -20.88 -26.95 9.51
C MET F 222 -19.76 -26.09 10.09
N GLY F 223 -20.01 -24.78 10.21
CA GLY F 223 -18.99 -23.91 10.75
C GLY F 223 -19.43 -22.69 11.53
N ILE F 224 -18.44 -22.05 12.12
CA ILE F 224 -18.60 -20.84 12.91
C ILE F 224 -17.78 -19.74 12.23
N VAL F 225 -18.37 -18.57 12.05
CA VAL F 225 -17.63 -17.47 11.44
C VAL F 225 -16.43 -17.13 12.32
N SER F 226 -15.23 -17.27 11.75
CA SER F 226 -14.00 -16.99 12.48
C SER F 226 -13.44 -15.64 12.02
N ALA F 227 -13.30 -15.47 10.71
CA ALA F 227 -12.81 -14.23 10.16
C ALA F 227 -13.39 -13.98 8.77
N GLY F 228 -14.50 -13.28 8.72
CA GLY F 228 -15.11 -12.98 7.42
C GLY F 228 -14.14 -12.10 6.66
N ALA F 229 -14.27 -12.06 5.34
CA ALA F 229 -13.37 -11.23 4.54
C ALA F 229 -14.07 -9.97 4.05
N GLY F 230 -15.30 -9.76 4.50
CA GLY F 230 -16.04 -8.58 4.07
C GLY F 230 -15.64 -7.35 4.88
N CYS F 231 -16.22 -6.22 4.49
CA CYS F 231 -15.98 -4.97 5.19
C CYS F 231 -14.56 -4.41 5.29
N ASP F 232 -13.95 -4.48 6.46
CA ASP F 232 -12.63 -3.85 6.64
C ASP F 232 -11.41 -4.77 6.56
N ARG F 233 -11.66 -6.05 6.69
CA ARG F 233 -10.59 -7.02 6.70
C ARG F 233 -10.07 -7.35 5.30
N LYS F 234 -8.75 -7.50 5.14
CA LYS F 234 -8.21 -7.85 3.80
C LYS F 234 -8.46 -9.34 3.55
N GLY F 235 -8.44 -9.76 2.29
CA GLY F 235 -8.67 -11.17 2.03
C GLY F 235 -9.71 -11.43 0.96
N LYS F 236 -9.66 -12.62 0.38
CA LYS F 236 -10.58 -12.96 -0.67
C LYS F 236 -11.66 -13.88 -0.14
N TYR F 237 -11.29 -14.72 0.83
CA TYR F 237 -12.23 -15.67 1.39
C TYR F 237 -12.37 -15.56 2.91
N GLY F 238 -13.47 -16.07 3.43
CA GLY F 238 -13.70 -16.03 4.87
C GLY F 238 -13.25 -17.34 5.49
N PHE F 239 -12.85 -17.28 6.75
CA PHE F 239 -12.40 -18.47 7.46
C PHE F 239 -13.45 -18.91 8.47
N TYR F 240 -13.68 -20.22 8.54
CA TYR F 240 -14.66 -20.79 9.44
C TYR F 240 -14.08 -21.93 10.24
N THR F 241 -14.51 -22.02 11.51
CA THR F 241 -14.08 -23.09 12.39
C THR F 241 -14.91 -24.31 11.97
N HIS F 242 -14.20 -25.37 11.58
CA HIS F 242 -14.77 -26.65 11.13
C HIS F 242 -15.44 -27.34 12.33
N VAL F 243 -16.73 -27.06 12.54
CA VAL F 243 -17.47 -27.61 13.69
C VAL F 243 -17.29 -29.10 13.95
N PHE F 244 -17.40 -29.92 12.89
CA PHE F 244 -17.26 -31.36 13.09
C PHE F 244 -15.95 -31.77 13.73
N ARG F 245 -14.85 -31.22 13.23
CA ARG F 245 -13.54 -31.57 13.76
C ARG F 245 -13.37 -31.23 15.23
N LEU F 246 -14.31 -30.47 15.78
CA LEU F 246 -14.23 -30.10 17.19
C LEU F 246 -15.43 -30.65 17.96
N LYS F 247 -16.08 -31.66 17.37
CA LYS F 247 -17.26 -32.27 17.98
C LYS F 247 -16.92 -33.06 19.24
N ARG F 248 -15.74 -33.67 19.26
CA ARG F 248 -15.32 -34.45 20.41
C ARG F 248 -15.11 -33.54 21.61
N TRP F 249 -14.51 -32.38 21.36
CA TRP F 249 -14.29 -31.40 22.42
C TRP F 249 -15.64 -30.91 22.93
N ILE F 250 -16.56 -30.63 22.00
CA ILE F 250 -17.88 -30.16 22.40
C ILE F 250 -18.50 -31.20 23.33
N GLN F 251 -18.35 -32.47 22.97
CA GLN F 251 -18.89 -33.55 23.77
C GLN F 251 -18.23 -33.59 25.14
N LYS F 252 -16.91 -33.70 25.16
CA LYS F 252 -16.18 -33.74 26.42
C LYS F 252 -16.66 -32.64 27.38
N VAL F 253 -16.86 -31.43 26.84
CA VAL F 253 -17.29 -30.31 27.67
C VAL F 253 -18.69 -30.45 28.21
N ILE F 254 -19.66 -30.69 27.32
CA ILE F 254 -21.04 -30.84 27.74
C ILE F 254 -21.25 -31.98 28.75
N ASP F 255 -20.61 -33.13 28.51
CA ASP F 255 -20.75 -34.27 29.43
C ASP F 255 -20.39 -33.83 30.83
N GLN F 256 -19.15 -33.39 30.97
CA GLN F 256 -18.59 -32.95 32.24
C GLN F 256 -19.12 -31.58 32.67
N PHE F 257 -19.74 -30.86 31.75
CA PHE F 257 -20.24 -29.52 32.02
C PHE F 257 -19.05 -28.60 32.27
N GLY F 258 -17.92 -28.90 31.62
CA GLY F 258 -16.73 -28.10 31.77
C GLY F 258 -16.10 -28.26 33.14
#